data_2IV2
#
_entry.id   2IV2
#
_cell.length_a   146.400
_cell.length_b   146.400
_cell.length_c   81.270
_cell.angle_alpha   90.00
_cell.angle_beta   90.00
_cell.angle_gamma   90.00
#
_symmetry.space_group_name_H-M   'P 41 21 2'
#
loop_
_entity.id
_entity.type
_entity.pdbx_description
1 polymer 'Formate dehydrogenase H'
2 non-polymer 'IRON/SULFUR CLUSTER'
3 non-polymer "GUANYLATE-O'-PHOSPHORIC ACID MONO-(2-AMINO-5,6-DIMERCAPTO-4-OXO-3,5,6,7,8A,9,10,10A-OCTAHYDRO-4H-8-OXA-1,3,9,10-TETRAAZA-ANTHRACEN-7-YLMETHYL) ESTER"
4 non-polymer '2-AMINO-5,6-DIMERCAPTO-7-METHYL-3,7,8A,9-TETRAHYDRO-8-OXA-1,3,9,10-TETRAAZA-ANTHRACEN-4-ONE GUANOSINE DINUCLEOTIDE'
5 non-polymer 'MOLYBDENUM ATOM'
6 non-polymer 'UNKNOWN ATOM OR ION'
7 water water
#
_entity_poly.entity_id   1
_entity_poly.type   'polypeptide(L)'
_entity_poly.pdbx_seq_one_letter_code
;MKKVVTVCPYCASGCKINLVVDNGKIVRAEAAQGKTNQGTLCLKGYYGWDFINDTQILTPRLKTPMIRRQRGGKLEPVSW
DEALNYVAERLSAIKEKYGPDAIQTTGSSRGTGNETNYVMQKFARAVIGTNNVDCCARVUHGPSVAGLHQSVGNGAMSNA
INEIDNTDLVFVFGYNPADSHPIVANHVINAKRNGAKIIVCDPRKIETARIADMHIALKNGSNIALLNAMGHVIIEENLY
DKAFVASRTEGFEEYRKIVEGYTPESVEDITGVSASEIRQAARMYAQAKSAAILWGMGVTQFYQGVETVRSLTSLAMLTG
NLGKPHAGVNPVRGQNNVQGACDMGALPDTYPGYQYVKDPANREKFAKAWGVESLPAHTGYRISELPHRAAHGEVRAAYI
MGEDPLQTDAELSAVRKAFEDLELVIVQDIFMTKTASAADVILPSTSWGEHEGVFTAADRGFQRFFKAVEPKWDLKTDWQ
IISEIATRMGYPMHYNNTQEIWDELRHLCPDFYGATYEKMGELGFIQWPCRDTSDADQGTSYLFKEKFDTPNGLAQFFTC
DWVAPIDKLTDEYPMVLSTVREVGHYSCRSMTGNCAALAALADEPGYAQINTEDAKRLGIEDEALVWVHSRKGKIITRAQ
VSDRPNKGAIYMTYQWWIGACNELVTENLSPITKTPEYKYCAVRVEPIADQRAAEQYVIDEYNKLKTRLREAALA
;
_entity_poly.pdbx_strand_id   X
#
# COMPACT_ATOMS: atom_id res chain seq x y z
N MET A 1 -25.76 -23.32 9.02
CA MET A 1 -24.31 -23.09 9.28
C MET A 1 -23.46 -23.52 8.09
N LYS A 2 -22.76 -22.56 7.51
CA LYS A 2 -22.02 -22.76 6.27
C LYS A 2 -20.69 -21.99 6.31
N LYS A 3 -19.70 -22.45 5.54
CA LYS A 3 -18.45 -21.73 5.34
C LYS A 3 -18.44 -21.02 3.99
N VAL A 4 -18.22 -19.71 4.02
CA VAL A 4 -18.02 -18.90 2.81
C VAL A 4 -16.55 -18.49 2.73
N VAL A 5 -15.95 -18.74 1.58
CA VAL A 5 -14.54 -18.52 1.40
C VAL A 5 -14.31 -17.07 0.99
N THR A 6 -13.33 -16.45 1.62
CA THR A 6 -12.96 -15.11 1.29
C THR A 6 -11.44 -14.93 1.34
N VAL A 7 -11.00 -13.71 1.09
CA VAL A 7 -9.59 -13.32 1.22
C VAL A 7 -9.47 -12.20 2.25
N CYS A 8 -8.43 -12.24 3.07
CA CYS A 8 -8.24 -11.25 4.12
C CYS A 8 -8.21 -9.81 3.59
N PRO A 9 -8.94 -8.89 4.23
CA PRO A 9 -8.97 -7.49 3.80
C PRO A 9 -7.95 -6.57 4.44
N TYR A 10 -6.91 -7.12 5.06
CA TYR A 10 -5.92 -6.32 5.75
C TYR A 10 -4.69 -6.14 4.87
N CYS A 11 -3.67 -6.98 5.06
CA CYS A 11 -2.42 -6.81 4.32
C CYS A 11 -2.41 -7.66 3.06
N ALA A 12 -1.37 -7.46 2.24
CA ALA A 12 -1.32 -8.07 0.92
C ALA A 12 -0.83 -9.52 0.90
N SER A 13 -0.73 -10.17 2.06
CA SER A 13 -0.35 -11.60 2.14
C SER A 13 -1.36 -12.51 1.43
N GLY A 14 -2.61 -12.07 1.37
CA GLY A 14 -3.63 -12.72 0.55
C GLY A 14 -4.19 -14.01 1.11
N CYS A 15 -4.16 -14.14 2.45
CA CYS A 15 -4.67 -15.31 3.14
C CYS A 15 -6.14 -15.56 2.82
N LYS A 16 -6.45 -16.82 2.53
CA LYS A 16 -7.83 -17.26 2.35
C LYS A 16 -8.43 -17.57 3.73
N ILE A 17 -9.68 -17.15 3.89
CA ILE A 17 -10.39 -17.26 5.15
C ILE A 17 -11.72 -17.91 4.86
N ASN A 18 -12.12 -18.87 5.72
CA ASN A 18 -13.48 -19.39 5.72
C ASN A 18 -14.27 -18.62 6.76
N LEU A 19 -15.22 -17.82 6.33
CA LEU A 19 -16.09 -17.13 7.27
C LEU A 19 -17.20 -18.08 7.59
N VAL A 20 -17.32 -18.42 8.86
CA VAL A 20 -18.39 -19.28 9.32
C VAL A 20 -19.65 -18.45 9.50
N VAL A 21 -20.71 -18.86 8.83
CA VAL A 21 -21.96 -18.12 8.78
C VAL A 21 -23.08 -18.97 9.38
N ASP A 22 -23.74 -18.44 10.39
CA ASP A 22 -24.82 -19.15 11.02
C ASP A 22 -26.03 -18.22 11.16
N ASN A 23 -27.09 -18.56 10.44
CA ASN A 23 -28.32 -17.76 10.47
C ASN A 23 -28.14 -16.33 9.97
N GLY A 24 -27.48 -16.20 8.82
CA GLY A 24 -27.28 -14.90 8.16
C GLY A 24 -26.24 -13.97 8.78
N LYS A 25 -25.57 -14.39 9.85
CA LYS A 25 -24.56 -13.56 10.52
C LYS A 25 -23.25 -14.30 10.52
N ILE A 26 -22.13 -13.58 10.36
CA ILE A 26 -20.83 -14.19 10.57
C ILE A 26 -20.59 -14.49 12.07
N VAL A 27 -20.12 -15.71 12.29
CA VAL A 27 -20.06 -16.34 13.60
C VAL A 27 -18.61 -16.45 14.06
N ARG A 28 -17.72 -16.81 13.14
CA ARG A 28 -16.30 -16.74 13.37
C ARG A 28 -15.58 -16.85 12.04
N ALA A 29 -14.26 -16.72 12.11
CA ALA A 29 -13.39 -16.80 10.95
C ALA A 29 -12.39 -17.88 11.25
N GLU A 30 -12.00 -18.64 10.23
CA GLU A 30 -10.91 -19.58 10.38
C GLU A 30 -10.09 -19.67 9.10
N ALA A 31 -8.83 -20.03 9.23
CA ALA A 31 -7.96 -20.10 8.09
C ALA A 31 -8.48 -21.16 7.11
N ALA A 32 -8.53 -20.80 5.84
CA ALA A 32 -8.74 -21.76 4.76
C ALA A 32 -7.38 -22.07 4.16
N GLN A 33 -7.37 -23.05 3.28
CA GLN A 33 -6.13 -23.51 2.63
C GLN A 33 -5.75 -22.66 1.41
N GLY A 34 -5.55 -21.37 1.60
CA GLY A 34 -5.12 -20.51 0.52
C GLY A 34 -3.70 -20.85 0.12
N LYS A 35 -3.31 -20.46 -1.08
CA LYS A 35 -1.97 -20.71 -1.57
C LYS A 35 -0.93 -20.12 -0.61
N THR A 36 -1.14 -18.89 -0.18
CA THR A 36 -0.12 -18.21 0.62
C THR A 36 -0.15 -18.61 2.08
N ASN A 37 -1.33 -18.85 2.64
CA ASN A 37 -1.49 -19.05 4.09
C ASN A 37 -1.63 -20.48 4.56
N GLN A 38 -2.20 -21.37 3.75
CA GLN A 38 -2.21 -22.81 4.09
C GLN A 38 -2.67 -23.06 5.53
N GLY A 39 -3.87 -22.57 5.86
CA GLY A 39 -4.50 -22.85 7.15
C GLY A 39 -3.97 -22.04 8.34
N THR A 40 -3.32 -20.92 8.05
CA THR A 40 -2.91 -19.97 9.07
C THR A 40 -3.41 -18.57 8.78
N LEU A 41 -3.68 -17.83 9.86
CA LEU A 41 -3.98 -16.42 9.81
C LEU A 41 -3.22 -15.82 10.94
N CYS A 42 -2.94 -14.54 10.84
CA CYS A 42 -2.48 -13.77 11.98
C CYS A 42 -3.73 -13.32 12.77
N LEU A 43 -3.50 -12.69 13.92
CA LEU A 43 -4.55 -12.03 14.74
C LEU A 43 -5.63 -11.30 13.94
N LYS A 44 -5.22 -10.56 12.93
CA LYS A 44 -6.13 -9.69 12.18
C LYS A 44 -7.10 -10.46 11.27
N GLY A 45 -6.65 -11.47 10.54
CA GLY A 45 -7.56 -12.32 9.80
C GLY A 45 -8.52 -13.11 10.69
N TYR A 46 -8.00 -13.55 11.83
CA TYR A 46 -8.71 -14.41 12.77
C TYR A 46 -9.79 -13.64 13.52
N TYR A 47 -9.42 -12.47 14.03
CA TYR A 47 -10.36 -11.67 14.81
C TYR A 47 -10.93 -10.46 14.08
N GLY A 48 -10.45 -10.15 12.88
CA GLY A 48 -10.73 -8.86 12.26
C GLY A 48 -11.94 -8.74 11.35
N TRP A 49 -12.87 -9.68 11.45
CA TRP A 49 -14.06 -9.73 10.60
C TRP A 49 -15.22 -9.05 11.30
N ASP A 50 -14.99 -8.71 12.54
CA ASP A 50 -15.99 -8.23 13.44
C ASP A 50 -16.59 -6.83 13.11
N PHE A 51 -15.81 -5.98 12.48
CA PHE A 51 -16.25 -4.62 12.09
C PHE A 51 -17.48 -4.59 11.19
N ILE A 52 -17.67 -5.66 10.42
CA ILE A 52 -18.83 -5.83 9.52
C ILE A 52 -20.13 -5.53 10.26
N ASN A 53 -20.18 -5.99 11.51
CA ASN A 53 -21.38 -5.90 12.35
C ASN A 53 -21.67 -4.55 13.00
N ASP A 54 -20.90 -3.52 12.68
CA ASP A 54 -21.10 -2.19 13.23
C ASP A 54 -21.02 -2.14 14.78
N THR A 55 -19.86 -2.50 15.31
CA THR A 55 -19.63 -2.51 16.75
C THR A 55 -19.67 -1.13 17.39
N GLN A 56 -19.30 -0.11 16.59
CA GLN A 56 -19.30 1.29 17.02
C GLN A 56 -18.28 1.59 18.09
N ILE A 57 -17.27 0.72 18.21
CA ILE A 57 -16.25 0.87 19.25
C ILE A 57 -15.44 2.14 18.98
N LEU A 58 -15.11 2.35 17.72
CA LEU A 58 -14.33 3.50 17.29
C LEU A 58 -15.21 4.42 16.43
N THR A 59 -15.83 3.88 15.39
CA THR A 59 -16.69 4.67 14.50
C THR A 59 -17.80 3.82 13.84
N PRO A 60 -18.97 4.41 13.63
CA PRO A 60 -20.07 3.63 13.05
C PRO A 60 -19.91 3.30 11.55
N ARG A 61 -20.51 2.18 11.15
CA ARG A 61 -20.72 1.88 9.72
C ARG A 61 -21.58 2.96 9.07
N LEU A 62 -21.28 3.28 7.80
CA LEU A 62 -22.14 4.17 7.03
C LEU A 62 -23.39 3.40 6.62
N LYS A 63 -24.55 3.94 6.97
CA LYS A 63 -25.84 3.27 6.77
C LYS A 63 -26.69 3.89 5.66
N THR A 64 -26.52 5.19 5.41
CA THR A 64 -27.31 5.90 4.42
C THR A 64 -26.47 6.89 3.64
N PRO A 65 -26.91 7.22 2.42
CA PRO A 65 -26.33 8.37 1.77
C PRO A 65 -26.51 9.59 2.63
N MET A 66 -25.60 10.54 2.52
CA MET A 66 -25.76 11.83 3.18
C MET A 66 -25.35 12.94 2.25
N ILE A 67 -25.89 14.12 2.49
CA ILE A 67 -25.49 15.32 1.78
C ILE A 67 -25.37 16.46 2.77
N ARG A 68 -24.26 17.18 2.68
CA ARG A 68 -24.08 18.47 3.37
C ARG A 68 -24.40 19.58 2.37
N ARG A 69 -25.55 20.22 2.51
CA ARG A 69 -26.02 21.18 1.51
C ARG A 69 -25.24 22.50 1.56
N GLN A 70 -25.20 23.12 2.73
CA GLN A 70 -24.39 24.32 2.94
C GLN A 70 -23.01 23.88 3.49
N ARG A 71 -21.99 24.66 3.17
CA ARG A 71 -20.60 24.28 3.44
C ARG A 71 -20.24 24.09 4.91
N GLY A 72 -20.67 25.03 5.76
CA GLY A 72 -20.43 24.90 7.20
C GLY A 72 -21.59 24.25 7.93
N GLY A 73 -22.16 23.21 7.34
CA GLY A 73 -23.42 22.62 7.81
C GLY A 73 -23.27 21.19 8.25
N LYS A 74 -24.41 20.53 8.47
CA LYS A 74 -24.44 19.15 8.90
C LYS A 74 -24.61 18.24 7.70
N LEU A 75 -23.94 17.08 7.74
CA LEU A 75 -24.29 15.99 6.87
C LEU A 75 -25.72 15.56 7.25
N GLU A 76 -26.61 15.49 6.26
CA GLU A 76 -27.98 15.01 6.49
C GLU A 76 -28.22 13.74 5.68
N PRO A 77 -28.88 12.73 6.29
CA PRO A 77 -29.24 11.54 5.54
C PRO A 77 -30.23 11.82 4.43
N VAL A 78 -30.07 11.15 3.30
CA VAL A 78 -30.96 11.36 2.17
C VAL A 78 -31.10 10.02 1.48
N SER A 79 -32.08 9.93 0.59
CA SER A 79 -32.28 8.74 -0.22
C SER A 79 -31.15 8.59 -1.24
N TRP A 80 -30.95 7.36 -1.69
CA TRP A 80 -30.07 7.08 -2.82
C TRP A 80 -30.40 7.86 -4.08
N ASP A 81 -31.69 8.00 -4.35
CA ASP A 81 -32.12 8.76 -5.50
C ASP A 81 -31.62 10.19 -5.41
N GLU A 82 -31.81 10.80 -4.25
CA GLU A 82 -31.40 12.19 -4.07
C GLU A 82 -29.89 12.32 -4.20
N ALA A 83 -29.17 11.42 -3.54
CA ALA A 83 -27.70 11.49 -3.52
C ALA A 83 -27.13 11.31 -4.92
N LEU A 84 -27.57 10.24 -5.62
CA LEU A 84 -27.01 9.87 -6.93
C LEU A 84 -27.35 10.88 -8.02
N ASN A 85 -28.55 11.45 -7.94
CA ASN A 85 -28.94 12.55 -8.78
C ASN A 85 -28.04 13.78 -8.54
N TYR A 86 -27.87 14.15 -7.28
CA TYR A 86 -27.01 15.29 -6.87
C TYR A 86 -25.61 15.18 -7.45
N VAL A 87 -24.99 14.02 -7.27
CA VAL A 87 -23.65 13.79 -7.75
C VAL A 87 -23.60 13.84 -9.30
N ALA A 88 -24.48 13.09 -9.98
CA ALA A 88 -24.51 13.09 -11.46
C ALA A 88 -24.66 14.51 -12.02
N GLU A 89 -25.58 15.28 -11.45
CA GLU A 89 -25.77 16.68 -11.83
C GLU A 89 -24.59 17.59 -11.56
N ARG A 90 -23.91 17.41 -10.42
CA ARG A 90 -22.76 18.27 -10.08
C ARG A 90 -21.57 17.95 -10.95
N LEU A 91 -21.26 16.67 -11.08
CA LEU A 91 -20.17 16.23 -11.95
C LEU A 91 -20.41 16.63 -13.39
N SER A 92 -21.64 16.48 -13.88
CA SER A 92 -21.95 16.88 -15.25
C SER A 92 -21.69 18.36 -15.42
N ALA A 93 -22.25 19.15 -14.50
CA ALA A 93 -22.11 20.60 -14.52
C ALA A 93 -20.65 21.05 -14.42
N ILE A 94 -19.86 20.36 -13.59
CA ILE A 94 -18.44 20.71 -13.47
C ILE A 94 -17.69 20.37 -14.76
N LYS A 95 -18.03 19.23 -15.35
CA LYS A 95 -17.40 18.80 -16.58
C LYS A 95 -17.63 19.82 -17.70
N GLU A 96 -18.86 20.28 -17.83
CA GLU A 96 -19.18 21.22 -18.89
C GLU A 96 -18.60 22.60 -18.68
N LYS A 97 -18.48 23.02 -17.42
CA LYS A 97 -17.98 24.36 -17.11
C LYS A 97 -16.44 24.45 -17.24
N TYR A 98 -15.76 23.46 -16.64
CA TYR A 98 -14.31 23.46 -16.50
C TYR A 98 -13.57 22.40 -17.33
N GLY A 99 -14.31 21.41 -17.83
CA GLY A 99 -13.69 20.32 -18.58
C GLY A 99 -13.61 19.09 -17.72
N PRO A 100 -13.42 17.93 -18.35
CA PRO A 100 -13.40 16.69 -17.56
C PRO A 100 -12.28 16.60 -16.54
N ASP A 101 -11.14 17.25 -16.83
CA ASP A 101 -9.97 17.18 -15.98
C ASP A 101 -10.13 17.97 -14.68
N ALA A 102 -11.25 18.69 -14.56
CA ALA A 102 -11.62 19.38 -13.34
C ALA A 102 -12.15 18.44 -12.24
N ILE A 103 -12.29 17.16 -12.56
CA ILE A 103 -12.78 16.15 -11.63
C ILE A 103 -11.70 15.10 -11.39
N GLN A 104 -11.50 14.76 -10.11
CA GLN A 104 -10.56 13.75 -9.68
C GLN A 104 -11.31 12.53 -9.10
N THR A 105 -10.96 11.31 -9.55
CA THR A 105 -11.47 10.08 -8.97
C THR A 105 -10.32 9.32 -8.28
N THR A 106 -10.68 8.49 -7.32
CA THR A 106 -9.75 7.53 -6.75
C THR A 106 -10.23 6.13 -6.92
N GLY A 107 -9.28 5.22 -7.05
CA GLY A 107 -9.53 3.82 -6.80
C GLY A 107 -9.44 3.58 -5.31
N SER A 108 -9.48 2.31 -4.94
CA SER A 108 -9.37 1.89 -3.55
C SER A 108 -8.71 0.53 -3.42
N SER A 109 -7.68 0.49 -2.56
CA SER A 109 -6.82 -0.67 -2.38
C SER A 109 -7.31 -1.63 -1.33
N ARG A 110 -8.52 -1.45 -0.82
CA ARG A 110 -8.95 -2.20 0.33
C ARG A 110 -10.05 -3.24 -0.02
N GLY A 111 -11.16 -3.27 0.70
CA GLY A 111 -12.12 -4.34 0.58
C GLY A 111 -13.00 -4.39 -0.66
N THR A 112 -12.97 -3.34 -1.49
CA THR A 112 -13.97 -3.21 -2.55
C THR A 112 -13.77 -4.24 -3.63
N GLY A 113 -12.50 -4.43 -4.02
CA GLY A 113 -12.14 -5.40 -5.03
C GLY A 113 -11.74 -4.78 -6.35
N ASN A 114 -11.19 -5.65 -7.19
CA ASN A 114 -10.67 -5.27 -8.50
C ASN A 114 -11.74 -4.75 -9.44
N GLU A 115 -12.89 -5.40 -9.45
CA GLU A 115 -13.98 -5.03 -10.35
C GLU A 115 -14.40 -3.57 -10.10
N THR A 116 -14.56 -3.18 -8.84
CA THR A 116 -14.83 -1.79 -8.53
C THR A 116 -13.82 -0.83 -9.15
N ASN A 117 -12.53 -1.18 -9.06
CA ASN A 117 -11.48 -0.26 -9.53
C ASN A 117 -11.50 -0.09 -11.04
N TYR A 118 -11.77 -1.18 -11.74
CA TYR A 118 -11.98 -1.18 -13.18
C TYR A 118 -13.15 -0.30 -13.54
N VAL A 119 -14.22 -0.40 -12.76
CA VAL A 119 -15.40 0.42 -12.99
C VAL A 119 -15.14 1.89 -12.74
N MET A 120 -14.45 2.22 -11.66
CA MET A 120 -14.08 3.62 -11.42
C MET A 120 -13.24 4.24 -12.55
N GLN A 121 -12.25 3.52 -13.03
CA GLN A 121 -11.41 4.09 -14.10
C GLN A 121 -12.16 4.16 -15.40
N LYS A 122 -13.06 3.20 -15.64
CA LYS A 122 -13.99 3.27 -16.77
C LYS A 122 -14.86 4.51 -16.68
N PHE A 123 -15.39 4.77 -15.51
CA PHE A 123 -16.22 5.95 -15.29
C PHE A 123 -15.43 7.23 -15.57
N ALA A 124 -14.22 7.32 -15.03
CA ALA A 124 -13.37 8.51 -15.21
C ALA A 124 -13.15 8.76 -16.69
N ARG A 125 -12.86 7.68 -17.40
CA ARG A 125 -12.40 7.75 -18.79
C ARG A 125 -13.52 7.77 -19.84
N ALA A 126 -14.45 6.83 -19.77
CA ALA A 126 -15.55 6.74 -20.74
C ALA A 126 -16.70 7.71 -20.45
N VAL A 127 -16.96 7.96 -19.18
CA VAL A 127 -18.08 8.81 -18.81
C VAL A 127 -17.61 10.25 -18.64
N ILE A 128 -16.74 10.51 -17.67
CA ILE A 128 -16.25 11.86 -17.41
C ILE A 128 -15.41 12.38 -18.56
N GLY A 129 -14.46 11.57 -19.00
CA GLY A 129 -13.56 11.95 -20.10
C GLY A 129 -12.19 12.39 -19.61
N THR A 130 -11.79 11.88 -18.46
CA THR A 130 -10.52 12.25 -17.88
C THR A 130 -9.73 11.02 -17.51
N ASN A 131 -8.40 11.17 -17.48
CA ASN A 131 -7.54 10.16 -16.91
C ASN A 131 -7.21 10.42 -15.43
N ASN A 132 -7.90 11.39 -14.82
CA ASN A 132 -7.72 11.68 -13.40
C ASN A 132 -8.27 10.54 -12.56
N VAL A 133 -7.53 9.44 -12.50
CA VAL A 133 -7.87 8.34 -11.62
C VAL A 133 -6.59 7.80 -11.06
N ASP A 134 -6.57 7.54 -9.77
CA ASP A 134 -5.32 7.24 -9.07
C ASP A 134 -5.62 6.62 -7.72
N CYS A 135 -4.63 5.95 -7.15
CA CYS A 135 -4.69 5.45 -5.77
C CYS A 135 -3.57 6.06 -4.93
N CYS A 136 -3.86 6.25 -3.65
CA CYS A 136 -2.88 6.77 -2.68
C CYS A 136 -1.62 5.94 -2.67
N ALA A 137 -1.76 4.70 -2.22
CA ALA A 137 -0.68 3.75 -2.28
C ALA A 137 -0.72 3.23 -3.70
N ARG A 138 0.44 3.12 -4.32
CA ARG A 138 0.50 2.60 -5.68
C ARG A 138 1.86 1.93 -5.92
N VAL A 139 1.85 0.94 -6.80
CA VAL A 139 3.07 0.29 -7.25
C VAL A 139 3.94 1.26 -8.07
N SEC A 140 5.26 1.07 -8.03
CA SEC A 140 6.20 1.79 -8.90
C SEC A 140 5.68 1.72 -10.31
N HIS A 141 5.47 2.87 -10.93
CA HIS A 141 4.72 2.89 -12.19
C HIS A 141 4.96 4.04 -13.19
N GLY A 142 4.83 5.30 -12.76
CA GLY A 142 4.75 6.42 -13.71
C GLY A 142 6.04 7.07 -14.20
N PRO A 143 5.94 8.00 -15.18
CA PRO A 143 7.11 8.82 -15.57
C PRO A 143 7.47 9.88 -14.52
N SER A 144 6.51 10.25 -13.67
CA SER A 144 6.69 11.37 -12.73
C SER A 144 7.46 11.02 -11.47
N VAL A 145 7.45 9.73 -11.10
CA VAL A 145 8.25 9.22 -9.98
C VAL A 145 9.04 7.95 -10.39
N ALA A 146 10.37 8.00 -10.24
CA ALA A 146 11.23 6.83 -10.46
C ALA A 146 10.85 5.62 -9.58
N GLY A 147 11.23 4.41 -10.04
CA GLY A 147 10.99 3.17 -9.30
C GLY A 147 11.54 1.96 -10.05
N LEU A 148 10.99 0.79 -9.74
CA LEU A 148 11.32 -0.48 -10.39
C LEU A 148 11.08 -0.48 -11.89
N HIS A 149 10.04 0.24 -12.28
CA HIS A 149 9.57 0.28 -13.67
C HIS A 149 10.66 0.70 -14.64
N GLN A 150 11.49 1.64 -14.25
CA GLN A 150 12.60 2.02 -15.13
C GLN A 150 13.74 0.98 -15.16
N SER A 151 13.87 0.17 -14.12
CA SER A 151 14.92 -0.83 -14.05
C SER A 151 14.58 -2.07 -14.86
N VAL A 152 13.35 -2.56 -14.68
CA VAL A 152 12.92 -3.84 -15.24
C VAL A 152 11.61 -3.76 -16.05
N GLY A 153 10.97 -2.59 -16.07
CA GLY A 153 9.78 -2.37 -16.88
C GLY A 153 8.51 -2.92 -16.26
N ASN A 154 8.58 -3.33 -15.00
CA ASN A 154 7.39 -3.72 -14.26
C ASN A 154 7.63 -3.41 -12.80
N GLY A 155 6.63 -2.82 -12.15
CA GLY A 155 6.71 -2.48 -10.72
C GLY A 155 6.28 -3.59 -9.77
N ALA A 156 5.76 -4.67 -10.32
CA ALA A 156 5.28 -5.80 -9.52
C ALA A 156 6.42 -6.55 -8.83
N MET A 157 6.11 -7.29 -7.78
CA MET A 157 7.01 -8.32 -7.28
C MET A 157 7.38 -9.23 -8.44
N SER A 158 8.68 -9.39 -8.70
CA SER A 158 9.12 -10.20 -9.84
C SER A 158 8.88 -11.68 -9.61
N ASN A 159 8.77 -12.08 -8.35
CA ASN A 159 8.64 -13.49 -7.98
C ASN A 159 7.52 -13.71 -6.95
N ALA A 160 6.96 -14.92 -6.92
CA ALA A 160 5.84 -15.23 -6.05
C ALA A 160 6.20 -15.24 -4.57
N ILE A 161 5.21 -15.03 -3.71
CA ILE A 161 5.42 -15.14 -2.28
C ILE A 161 5.84 -16.57 -1.93
N ASN A 162 5.20 -17.54 -2.57
CA ASN A 162 5.49 -18.95 -2.34
C ASN A 162 6.85 -19.37 -2.86
N GLU A 163 7.51 -18.53 -3.67
CA GLU A 163 8.88 -18.82 -4.11
C GLU A 163 9.93 -18.51 -3.05
N ILE A 164 9.56 -17.74 -2.03
CA ILE A 164 10.51 -17.33 -1.02
C ILE A 164 11.07 -18.56 -0.30
N ASP A 165 10.21 -19.56 -0.09
CA ASP A 165 10.55 -20.74 0.72
C ASP A 165 11.78 -21.49 0.24
N ASN A 166 12.08 -21.43 -1.04
CA ASN A 166 13.21 -22.17 -1.59
C ASN A 166 14.28 -21.25 -2.16
N THR A 167 14.37 -20.02 -1.66
CA THR A 167 15.52 -19.19 -2.01
C THR A 167 16.72 -19.61 -1.14
N ASP A 168 17.91 -19.32 -1.64
CA ASP A 168 19.14 -19.64 -0.92
C ASP A 168 19.50 -18.52 0.05
N LEU A 169 18.99 -17.32 -0.26
CA LEU A 169 19.19 -16.16 0.62
C LEU A 169 18.01 -15.20 0.56
N VAL A 170 17.44 -14.86 1.72
CA VAL A 170 16.47 -13.78 1.77
C VAL A 170 17.19 -12.52 2.25
N PHE A 171 17.22 -11.51 1.38
CA PHE A 171 17.80 -10.22 1.66
C PHE A 171 16.64 -9.28 1.97
N VAL A 172 16.38 -9.12 3.26
CA VAL A 172 15.30 -8.28 3.72
C VAL A 172 15.89 -6.89 3.91
N PHE A 173 15.37 -5.91 3.19
CA PHE A 173 15.88 -4.56 3.24
C PHE A 173 14.73 -3.60 3.52
N GLY A 174 14.74 -2.91 4.66
CA GLY A 174 13.69 -1.94 4.94
C GLY A 174 12.32 -2.59 4.95
N TYR A 175 12.22 -3.72 5.65
CA TYR A 175 11.02 -4.54 5.60
C TYR A 175 10.87 -5.39 6.87
N ASN A 176 9.67 -5.37 7.45
CA ASN A 176 9.42 -6.00 8.75
C ASN A 176 8.19 -6.91 8.74
N PRO A 177 8.25 -8.02 7.96
CA PRO A 177 7.06 -8.82 7.69
C PRO A 177 6.43 -9.40 8.96
N ALA A 178 7.24 -9.64 9.98
CA ALA A 178 6.71 -10.17 11.23
C ALA A 178 5.51 -9.34 11.71
N ASP A 179 5.59 -8.03 11.57
CA ASP A 179 4.47 -7.16 11.89
C ASP A 179 3.65 -6.73 10.68
N SER A 180 4.28 -6.68 9.51
CA SER A 180 3.67 -6.16 8.30
C SER A 180 2.91 -7.18 7.50
N HIS A 181 3.47 -8.39 7.39
CA HIS A 181 2.90 -9.43 6.57
C HIS A 181 3.19 -10.76 7.24
N PRO A 182 2.55 -11.02 8.39
CA PRO A 182 2.88 -12.21 9.16
C PRO A 182 3.00 -13.49 8.37
N ILE A 183 2.11 -13.68 7.40
CA ILE A 183 2.13 -14.90 6.60
C ILE A 183 3.32 -14.91 5.63
N VAL A 184 3.69 -13.75 5.08
CA VAL A 184 4.95 -13.62 4.32
C VAL A 184 6.16 -13.88 5.24
N ALA A 185 6.12 -13.39 6.50
CA ALA A 185 7.18 -13.72 7.46
C ALA A 185 7.28 -15.21 7.69
N ASN A 186 6.16 -15.92 7.67
CA ASN A 186 6.18 -17.38 7.79
C ASN A 186 6.89 -18.02 6.63
N HIS A 187 6.71 -17.46 5.42
CA HIS A 187 7.46 -17.91 4.25
C HIS A 187 8.95 -17.66 4.39
N VAL A 188 9.34 -16.56 5.02
CA VAL A 188 10.77 -16.27 5.24
C VAL A 188 11.37 -17.25 6.26
N ILE A 189 10.67 -17.43 7.37
CA ILE A 189 10.99 -18.43 8.38
C ILE A 189 11.10 -19.84 7.73
N ASN A 190 10.13 -20.22 6.91
CA ASN A 190 10.19 -21.52 6.23
C ASN A 190 11.39 -21.61 5.31
N ALA A 191 11.75 -20.50 4.65
CA ALA A 191 12.96 -20.45 3.81
C ALA A 191 14.23 -20.76 4.59
N LYS A 192 14.33 -20.17 5.78
CA LYS A 192 15.38 -20.48 6.75
C LYS A 192 15.35 -21.95 7.26
N ARG A 193 14.17 -22.48 7.60
CA ARG A 193 14.01 -23.91 7.91
C ARG A 193 14.54 -24.75 6.77
N ASN A 194 14.23 -24.32 5.54
CA ASN A 194 14.72 -24.99 4.34
C ASN A 194 16.20 -24.70 4.05
N GLY A 195 16.85 -23.95 4.93
CA GLY A 195 18.28 -23.70 4.82
C GLY A 195 18.72 -22.42 4.12
N ALA A 196 17.80 -21.49 3.87
CA ALA A 196 18.18 -20.20 3.30
C ALA A 196 18.95 -19.39 4.34
N LYS A 197 19.89 -18.57 3.85
CA LYS A 197 20.54 -17.57 4.68
C LYS A 197 19.60 -16.36 4.72
N ILE A 198 19.76 -15.54 5.74
CA ILE A 198 18.92 -14.36 5.89
C ILE A 198 19.78 -13.18 6.28
N ILE A 199 19.70 -12.12 5.49
CA ILE A 199 20.33 -10.84 5.81
C ILE A 199 19.20 -9.85 6.03
N VAL A 200 19.27 -9.11 7.12
CA VAL A 200 18.32 -8.06 7.40
C VAL A 200 19.07 -6.74 7.44
N CYS A 201 18.64 -5.76 6.64
CA CYS A 201 19.20 -4.41 6.69
C CYS A 201 18.16 -3.52 7.27
N ASP A 202 18.34 -3.20 8.55
CA ASP A 202 17.35 -2.48 9.30
C ASP A 202 18.04 -1.89 10.51
N PRO A 203 17.85 -0.58 10.76
CA PRO A 203 18.40 0.04 11.97
C PRO A 203 18.03 -0.67 13.29
N ARG A 204 16.79 -1.12 13.39
CA ARG A 204 16.25 -1.81 14.57
C ARG A 204 16.52 -3.28 14.54
N LYS A 205 16.43 -3.88 15.73
CA LYS A 205 16.47 -5.34 15.90
C LYS A 205 15.05 -5.91 15.79
N ILE A 206 14.55 -6.03 14.57
CA ILE A 206 13.24 -6.62 14.31
C ILE A 206 13.27 -8.13 14.46
N GLU A 207 12.10 -8.77 14.50
CA GLU A 207 12.01 -10.23 14.71
C GLU A 207 12.88 -10.99 13.74
N THR A 208 12.77 -10.63 12.46
CA THR A 208 13.52 -11.32 11.42
C THR A 208 15.03 -11.22 11.62
N ALA A 209 15.49 -10.18 12.33
CA ALA A 209 16.93 -10.02 12.65
C ALA A 209 17.43 -11.07 13.63
N ARG A 210 16.56 -11.48 14.55
CA ARG A 210 16.84 -12.57 15.51
C ARG A 210 17.29 -13.87 14.84
N ILE A 211 16.69 -14.16 13.68
CA ILE A 211 17.00 -15.38 12.91
C ILE A 211 17.94 -15.12 11.73
N ALA A 212 18.40 -13.87 11.59
CA ALA A 212 19.24 -13.46 10.45
C ALA A 212 20.66 -13.95 10.62
N ASP A 213 21.27 -14.34 9.52
CA ASP A 213 22.69 -14.66 9.52
C ASP A 213 23.50 -13.38 9.71
N MET A 214 23.03 -12.28 9.13
CA MET A 214 23.58 -10.96 9.39
C MET A 214 22.45 -9.97 9.56
N HIS A 215 22.53 -9.21 10.65
CA HIS A 215 21.71 -8.04 10.83
C HIS A 215 22.59 -6.83 10.57
N ILE A 216 22.42 -6.22 9.41
CA ILE A 216 23.17 -5.01 9.07
C ILE A 216 22.36 -3.87 9.65
N ALA A 217 22.75 -3.46 10.85
CA ALA A 217 22.06 -2.46 11.65
C ALA A 217 22.52 -1.07 11.26
N LEU A 218 22.14 -0.65 10.07
CA LEU A 218 22.65 0.58 9.47
C LEU A 218 21.95 1.81 10.04
N LYS A 219 22.69 2.91 10.08
CA LYS A 219 22.15 4.16 10.57
C LYS A 219 20.97 4.53 9.67
N ASN A 220 19.92 5.03 10.29
CA ASN A 220 18.75 5.53 9.58
C ASN A 220 19.18 6.50 8.46
N GLY A 221 18.69 6.29 7.25
CA GLY A 221 18.94 7.21 6.15
C GLY A 221 20.23 6.96 5.40
N SER A 222 20.98 5.93 5.78
CA SER A 222 22.29 5.65 5.18
C SER A 222 22.24 4.70 3.97
N ASN A 223 21.07 4.56 3.34
CA ASN A 223 20.79 3.43 2.45
C ASN A 223 21.64 3.33 1.20
N ILE A 224 21.70 4.43 0.43
CA ILE A 224 22.44 4.47 -0.81
C ILE A 224 23.93 4.29 -0.54
N ALA A 225 24.40 4.82 0.58
CA ALA A 225 25.80 4.66 0.97
C ALA A 225 26.12 3.19 1.18
N LEU A 226 25.27 2.48 1.92
CA LEU A 226 25.41 1.05 2.07
C LEU A 226 25.26 0.31 0.76
N LEU A 227 24.20 0.61 0.02
CA LEU A 227 23.93 -0.12 -1.23
C LEU A 227 25.06 0.06 -2.25
N ASN A 228 25.57 1.28 -2.36
CA ASN A 228 26.69 1.55 -3.28
C ASN A 228 27.96 0.82 -2.90
N ALA A 229 28.22 0.73 -1.60
CA ALA A 229 29.44 0.04 -1.12
C ALA A 229 29.32 -1.46 -1.32
N MET A 230 28.11 -1.99 -1.17
CA MET A 230 27.84 -3.39 -1.48
C MET A 230 28.11 -3.66 -2.97
N GLY A 231 27.66 -2.77 -3.83
CA GLY A 231 27.90 -2.87 -5.27
C GLY A 231 29.37 -2.71 -5.61
N HIS A 232 30.05 -1.85 -4.85
CA HIS A 232 31.48 -1.64 -4.95
C HIS A 232 32.22 -2.95 -4.69
N VAL A 233 31.90 -3.60 -3.57
CA VAL A 233 32.51 -4.88 -3.20
C VAL A 233 32.20 -5.92 -4.29
N ILE A 234 30.94 -6.00 -4.73
CA ILE A 234 30.57 -7.00 -5.72
C ILE A 234 31.33 -6.83 -7.06
N ILE A 235 31.54 -5.59 -7.47
CA ILE A 235 32.22 -5.31 -8.72
C ILE A 235 33.73 -5.49 -8.55
N GLU A 236 34.30 -4.96 -7.48
CA GLU A 236 35.75 -4.98 -7.31
C GLU A 236 36.29 -6.37 -6.99
N GLU A 237 35.46 -7.21 -6.37
CA GLU A 237 35.85 -8.59 -6.10
C GLU A 237 35.35 -9.53 -7.17
N ASN A 238 34.76 -8.96 -8.22
CA ASN A 238 34.38 -9.71 -9.41
C ASN A 238 33.33 -10.80 -9.16
N LEU A 239 32.36 -10.47 -8.31
CA LEU A 239 31.37 -11.42 -7.83
C LEU A 239 30.07 -11.31 -8.61
N TYR A 240 30.06 -10.40 -9.59
CA TYR A 240 28.87 -10.18 -10.40
C TYR A 240 28.80 -11.22 -11.51
N ASP A 241 27.63 -11.31 -12.14
CA ASP A 241 27.33 -12.29 -13.16
C ASP A 241 27.60 -11.59 -14.49
N LYS A 242 28.80 -11.78 -15.01
CA LYS A 242 29.26 -11.04 -16.20
C LYS A 242 28.42 -11.36 -17.45
N ALA A 243 28.07 -12.64 -17.64
CA ALA A 243 27.21 -13.06 -18.75
C ALA A 243 25.86 -12.37 -18.70
N PHE A 244 25.25 -12.37 -17.52
CA PHE A 244 23.93 -11.79 -17.35
C PHE A 244 23.97 -10.27 -17.61
N VAL A 245 24.98 -9.63 -17.02
CA VAL A 245 25.21 -8.21 -17.23
C VAL A 245 25.38 -7.91 -18.73
N ALA A 246 26.26 -8.64 -19.42
CA ALA A 246 26.49 -8.41 -20.86
C ALA A 246 25.23 -8.54 -21.69
N SER A 247 24.46 -9.61 -21.47
CA SER A 247 23.37 -9.97 -22.38
C SER A 247 22.00 -9.41 -22.03
N ARG A 248 21.80 -9.04 -20.76
CA ARG A 248 20.45 -8.73 -20.23
C ARG A 248 20.30 -7.35 -19.60
N THR A 249 21.37 -6.57 -19.62
CA THR A 249 21.37 -5.26 -19.01
C THR A 249 22.09 -4.23 -19.86
N GLU A 250 21.84 -2.96 -19.55
CA GLU A 250 22.74 -1.87 -19.91
C GLU A 250 22.89 -0.91 -18.73
N GLY A 251 23.91 -0.06 -18.81
CA GLY A 251 24.16 0.97 -17.83
C GLY A 251 25.20 0.57 -16.80
N PHE A 252 25.86 -0.56 -17.02
CA PHE A 252 26.79 -1.12 -16.04
C PHE A 252 27.94 -0.18 -15.77
N GLU A 253 28.49 0.37 -16.85
CA GLU A 253 29.71 1.12 -16.77
C GLU A 253 29.52 2.41 -16.00
N GLU A 254 28.37 3.04 -16.18
CA GLU A 254 28.03 4.25 -15.48
C GLU A 254 27.78 3.97 -13.99
N TYR A 255 27.18 2.82 -13.68
CA TYR A 255 26.96 2.38 -12.29
C TYR A 255 28.29 2.07 -11.60
N ARG A 256 29.15 1.35 -12.32
CA ARG A 256 30.49 1.02 -11.86
C ARG A 256 31.29 2.27 -11.49
N LYS A 257 31.20 3.32 -12.29
CA LYS A 257 31.87 4.59 -12.00
C LYS A 257 31.42 5.19 -10.67
N ILE A 258 30.12 5.22 -10.42
CA ILE A 258 29.63 5.79 -9.17
C ILE A 258 30.07 4.95 -7.94
N VAL A 259 29.85 3.64 -7.97
CA VAL A 259 30.17 2.78 -6.82
C VAL A 259 31.68 2.60 -6.56
N GLU A 260 32.49 2.87 -7.59
CA GLU A 260 33.94 2.84 -7.47
C GLU A 260 34.49 3.71 -6.33
N GLY A 261 33.92 4.91 -6.14
CA GLY A 261 34.30 5.78 -5.02
C GLY A 261 33.80 5.31 -3.65
N TYR A 262 32.75 4.49 -3.63
CA TYR A 262 32.15 4.08 -2.37
C TYR A 262 32.77 2.82 -1.82
N THR A 263 33.99 2.93 -1.30
CA THR A 263 34.60 1.82 -0.58
C THR A 263 33.80 1.55 0.71
N PRO A 264 33.74 0.29 1.16
CA PRO A 264 33.25 0.04 2.52
C PRO A 264 33.85 0.96 3.59
N GLU A 265 35.14 1.23 3.50
CA GLU A 265 35.81 2.16 4.42
C GLU A 265 35.25 3.59 4.37
N SER A 266 34.99 4.12 3.17
CA SER A 266 34.54 5.51 3.03
C SER A 266 33.15 5.74 3.61
N VAL A 267 32.50 4.65 4.01
CA VAL A 267 31.08 4.65 4.31
C VAL A 267 30.79 4.08 5.72
N GLU A 268 31.85 3.85 6.50
CA GLU A 268 31.74 3.24 7.81
C GLU A 268 31.02 4.12 8.81
N ASP A 269 31.37 5.41 8.80
CA ASP A 269 30.78 6.36 9.72
C ASP A 269 29.37 6.71 9.31
N ILE A 270 29.12 6.76 8.00
CA ILE A 270 27.79 7.11 7.47
C ILE A 270 26.74 6.04 7.72
N THR A 271 27.12 4.79 7.48
CA THR A 271 26.26 3.64 7.72
C THR A 271 26.28 3.12 9.18
N GLY A 272 27.33 3.46 9.92
CA GLY A 272 27.56 2.86 11.23
C GLY A 272 27.82 1.36 11.15
N VAL A 273 28.14 0.87 9.95
CA VAL A 273 28.39 -0.55 9.70
C VAL A 273 29.88 -0.65 9.41
N SER A 274 30.55 -1.64 9.97
CA SER A 274 31.97 -1.84 9.73
C SER A 274 32.18 -2.32 8.29
N ALA A 275 33.28 -1.91 7.67
CA ALA A 275 33.62 -2.29 6.30
C ALA A 275 33.62 -3.80 6.15
N SER A 276 34.13 -4.49 7.17
CA SER A 276 34.12 -5.95 7.21
C SER A 276 32.70 -6.52 7.08
N GLU A 277 31.75 -5.97 7.84
CA GLU A 277 30.35 -6.39 7.75
C GLU A 277 29.78 -6.14 6.36
N ILE A 278 30.12 -4.99 5.79
CA ILE A 278 29.66 -4.62 4.46
C ILE A 278 30.14 -5.62 3.41
N ARG A 279 31.41 -5.98 3.51
CA ARG A 279 32.04 -6.96 2.62
C ARG A 279 31.40 -8.32 2.72
N GLN A 280 31.15 -8.76 3.94
CA GLN A 280 30.58 -10.08 4.20
C GLN A 280 29.15 -10.17 3.65
N ALA A 281 28.36 -9.12 3.84
CA ALA A 281 26.96 -9.11 3.40
C ALA A 281 26.88 -9.09 1.89
N ALA A 282 27.75 -8.29 1.28
CA ALA A 282 27.81 -8.17 -0.17
C ALA A 282 28.28 -9.51 -0.77
N ARG A 283 29.26 -10.13 -0.13
CA ARG A 283 29.69 -11.48 -0.50
C ARG A 283 28.60 -12.53 -0.35
N MET A 284 27.90 -12.52 0.79
CA MET A 284 26.85 -13.48 1.04
C MET A 284 25.75 -13.35 0.00
N TYR A 285 25.30 -12.13 -0.24
CA TYR A 285 24.27 -11.88 -1.23
C TYR A 285 24.73 -12.35 -2.63
N ALA A 286 25.91 -11.89 -3.06
CA ALA A 286 26.46 -12.20 -4.39
C ALA A 286 26.74 -13.69 -4.60
N GLN A 287 27.12 -14.40 -3.54
CA GLN A 287 27.51 -15.80 -3.66
C GLN A 287 26.34 -16.78 -3.58
N ALA A 288 25.18 -16.34 -3.08
CA ALA A 288 24.01 -17.23 -2.98
C ALA A 288 23.57 -17.61 -4.40
N LYS A 289 23.25 -18.89 -4.58
CA LYS A 289 22.92 -19.42 -5.92
C LYS A 289 21.70 -18.70 -6.47
N SER A 290 20.69 -18.54 -5.61
CA SER A 290 19.52 -17.73 -5.89
C SER A 290 19.20 -16.89 -4.65
N ALA A 291 19.04 -15.58 -4.83
CA ALA A 291 18.76 -14.67 -3.72
C ALA A 291 17.57 -13.81 -4.06
N ALA A 292 16.64 -13.69 -3.12
CA ALA A 292 15.48 -12.82 -3.25
C ALA A 292 15.66 -11.61 -2.33
N ILE A 293 15.54 -10.43 -2.91
CA ILE A 293 15.46 -9.19 -2.15
C ILE A 293 13.99 -8.92 -1.86
N LEU A 294 13.69 -8.67 -0.60
CA LEU A 294 12.38 -8.23 -0.17
C LEU A 294 12.52 -6.85 0.42
N TRP A 295 11.67 -5.94 0.01
CA TRP A 295 11.72 -4.64 0.61
C TRP A 295 10.33 -4.14 0.77
N GLY A 296 10.22 -3.06 1.52
CA GLY A 296 8.94 -2.60 1.95
C GLY A 296 8.63 -1.24 1.37
N MET A 297 7.32 -1.00 1.27
CA MET A 297 6.70 0.24 0.80
C MET A 297 7.06 1.62 1.42
N GLY A 298 7.52 1.76 2.67
CA GLY A 298 8.73 1.15 3.20
C GLY A 298 9.92 1.99 2.72
N VAL A 299 10.78 1.38 1.88
CA VAL A 299 12.02 2.00 1.29
C VAL A 299 11.77 3.25 0.49
N THR A 300 10.60 3.36 -0.11
CA THR A 300 10.32 4.44 -1.03
C THR A 300 10.05 5.73 -0.25
N GLN A 301 9.84 5.61 1.05
CA GLN A 301 9.63 6.77 1.92
C GLN A 301 10.89 7.23 2.64
N PHE A 302 11.97 6.44 2.69
CA PHE A 302 13.18 6.90 3.40
C PHE A 302 13.82 8.07 2.67
N TYR A 303 13.19 8.48 1.56
CA TYR A 303 13.80 9.11 0.38
C TYR A 303 15.37 9.29 0.23
N GLN A 304 15.72 9.63 -1.01
CA GLN A 304 16.61 8.82 -1.85
C GLN A 304 15.95 7.45 -2.04
N GLY A 305 14.64 7.38 -1.85
CA GLY A 305 13.93 6.11 -1.68
C GLY A 305 13.70 5.43 -3.01
N VAL A 306 13.35 6.22 -3.99
CA VAL A 306 13.10 5.70 -5.32
C VAL A 306 14.42 5.40 -6.05
N GLU A 307 15.44 6.19 -5.74
CA GLU A 307 16.81 5.84 -6.11
C GLU A 307 17.27 4.58 -5.38
N THR A 308 16.83 4.41 -4.12
CA THR A 308 17.26 3.27 -3.29
C THR A 308 16.71 2.00 -3.86
N VAL A 309 15.45 2.07 -4.32
CA VAL A 309 14.78 0.96 -4.99
C VAL A 309 15.52 0.50 -6.25
N ARG A 310 15.96 1.45 -7.06
CA ARG A 310 16.74 1.17 -8.25
C ARG A 310 18.15 0.71 -7.91
N SER A 311 18.74 1.30 -6.87
CA SER A 311 20.07 0.89 -6.42
C SER A 311 20.06 -0.54 -5.90
N LEU A 312 19.02 -0.90 -5.15
CA LEU A 312 18.74 -2.29 -4.78
C LEU A 312 18.52 -3.24 -5.94
N THR A 313 17.76 -2.78 -6.93
CA THR A 313 17.42 -3.61 -8.05
C THR A 313 18.70 -3.85 -8.85
N SER A 314 19.56 -2.84 -8.91
CA SER A 314 20.86 -2.95 -9.55
C SER A 314 21.71 -4.07 -8.94
N LEU A 315 21.63 -4.24 -7.61
CA LEU A 315 22.33 -5.35 -6.95
C LEU A 315 21.86 -6.69 -7.48
N ALA A 316 20.54 -6.85 -7.68
CA ALA A 316 19.97 -8.07 -8.23
C ALA A 316 20.34 -8.27 -9.69
N MET A 317 20.43 -7.20 -10.48
CA MET A 317 20.90 -7.27 -11.87
C MET A 317 22.37 -7.68 -11.94
N LEU A 318 23.15 -7.05 -11.06
CA LEU A 318 24.58 -7.30 -10.93
C LEU A 318 24.82 -8.80 -10.72
N THR A 319 23.96 -9.44 -9.90
CA THR A 319 24.11 -10.84 -9.48
C THR A 319 23.22 -11.83 -10.26
N GLY A 320 22.56 -11.35 -11.30
CA GLY A 320 21.65 -12.18 -12.09
C GLY A 320 20.50 -12.80 -11.32
N ASN A 321 19.99 -12.08 -10.32
CA ASN A 321 18.91 -12.60 -9.47
C ASN A 321 17.54 -12.10 -9.94
N LEU A 322 17.31 -12.30 -11.24
CA LEU A 322 16.12 -11.86 -11.93
C LEU A 322 15.87 -12.84 -13.11
N GLY A 323 14.61 -13.10 -13.40
CA GLY A 323 14.24 -14.01 -14.50
C GLY A 323 14.40 -15.49 -14.19
N LYS A 324 14.51 -15.82 -12.92
CA LYS A 324 14.51 -17.22 -12.49
C LYS A 324 13.76 -17.31 -11.18
N PRO A 325 13.34 -18.53 -10.79
CA PRO A 325 12.56 -18.66 -9.56
C PRO A 325 13.40 -18.52 -8.28
N HIS A 326 12.72 -18.21 -7.19
CA HIS A 326 13.31 -18.09 -5.85
C HIS A 326 14.40 -17.03 -5.80
N ALA A 327 14.23 -15.98 -6.60
CA ALA A 327 15.16 -14.89 -6.66
C ALA A 327 14.32 -13.62 -6.68
N GLY A 328 14.83 -12.58 -7.33
CA GLY A 328 14.01 -11.46 -7.71
C GLY A 328 14.19 -10.20 -6.90
N VAL A 329 13.40 -9.23 -7.29
CA VAL A 329 13.24 -7.96 -6.61
C VAL A 329 11.76 -7.91 -6.23
N ASN A 330 11.49 -7.74 -4.93
CA ASN A 330 10.18 -8.06 -4.41
C ASN A 330 9.76 -7.00 -3.41
N PRO A 331 9.24 -5.87 -3.92
CA PRO A 331 8.55 -4.95 -3.05
C PRO A 331 7.24 -5.60 -2.59
N VAL A 332 7.19 -6.03 -1.33
CA VAL A 332 5.96 -6.60 -0.78
C VAL A 332 5.18 -5.40 -0.28
N ARG A 333 4.16 -5.02 -1.00
CA ARG A 333 3.44 -3.80 -0.65
C ARG A 333 2.30 -4.14 0.30
N GLY A 334 1.70 -3.11 0.84
CA GLY A 334 1.01 -3.23 2.09
C GLY A 334 -0.38 -3.75 2.05
N GLN A 335 -1.25 -3.05 1.35
CA GLN A 335 -2.69 -3.27 1.41
C GLN A 335 -3.13 -4.52 0.67
N ASN A 336 -4.19 -5.14 1.17
CA ASN A 336 -4.78 -6.34 0.56
C ASN A 336 -4.98 -6.23 -0.95
N ASN A 337 -5.30 -5.04 -1.43
CA ASN A 337 -5.50 -4.87 -2.86
C ASN A 337 -4.82 -3.64 -3.45
N VAL A 338 -3.64 -3.30 -2.99
CA VAL A 338 -2.90 -2.20 -3.59
C VAL A 338 -2.49 -2.61 -4.99
N GLN A 339 -2.11 -3.88 -5.13
CA GLN A 339 -1.67 -4.40 -6.41
C GLN A 339 -2.81 -4.40 -7.41
N GLY A 340 -3.97 -4.86 -6.96
CA GLY A 340 -5.13 -5.01 -7.81
C GLY A 340 -5.69 -3.69 -8.32
N ALA A 341 -5.82 -2.70 -7.44
CA ALA A 341 -6.19 -1.36 -7.87
C ALA A 341 -5.35 -0.92 -9.04
N CYS A 342 -4.05 -1.16 -8.98
CA CYS A 342 -3.15 -0.77 -10.07
C CYS A 342 -3.34 -1.63 -11.32
N ASP A 343 -3.48 -2.94 -11.11
CA ASP A 343 -3.83 -3.87 -12.20
C ASP A 343 -5.09 -3.42 -12.95
N MET A 344 -6.03 -2.83 -12.21
CA MET A 344 -7.29 -2.40 -12.80
C MET A 344 -7.26 -1.02 -13.41
N GLY A 345 -6.09 -0.40 -13.40
CA GLY A 345 -5.89 0.89 -14.08
C GLY A 345 -6.47 2.05 -13.31
N ALA A 346 -6.51 1.92 -11.99
CA ALA A 346 -6.80 3.05 -11.12
C ALA A 346 -5.52 3.88 -10.94
N LEU A 347 -4.88 4.23 -12.06
CA LEU A 347 -3.69 5.07 -12.12
C LEU A 347 -3.85 6.01 -13.30
N PRO A 348 -3.28 7.22 -13.22
CA PRO A 348 -3.57 8.25 -14.22
C PRO A 348 -3.03 8.07 -15.64
N ASP A 349 -2.08 7.16 -15.85
CA ASP A 349 -1.44 6.99 -17.14
C ASP A 349 -1.73 5.66 -17.83
N THR A 350 -2.62 4.85 -17.26
CA THR A 350 -2.80 3.50 -17.79
C THR A 350 -4.17 2.89 -17.58
N TYR A 351 -4.65 2.27 -18.66
CA TYR A 351 -5.79 1.36 -18.60
C TYR A 351 -5.43 0.14 -17.77
N PRO A 352 -6.43 -0.68 -17.40
CA PRO A 352 -6.11 -1.96 -16.78
C PRO A 352 -5.16 -2.81 -17.63
N GLY A 353 -4.44 -3.71 -16.97
CA GLY A 353 -3.50 -4.56 -17.64
C GLY A 353 -2.26 -3.85 -18.16
N TYR A 354 -1.92 -2.72 -17.55
CA TYR A 354 -0.75 -1.90 -17.89
C TYR A 354 -0.67 -1.63 -19.37
N GLN A 355 -1.81 -1.23 -19.89
CA GLN A 355 -2.00 -0.80 -21.24
C GLN A 355 -2.11 0.72 -21.21
N TYR A 356 -1.00 1.39 -21.52
CA TYR A 356 -0.84 2.85 -21.34
C TYR A 356 -1.79 3.65 -22.21
N VAL A 357 -2.39 4.66 -21.63
CA VAL A 357 -3.31 5.53 -22.36
C VAL A 357 -2.62 6.33 -23.48
N LYS A 358 -1.29 6.49 -23.42
CA LYS A 358 -0.55 7.23 -24.47
C LYS A 358 -0.48 6.48 -25.83
N ASP A 359 -0.67 5.17 -25.80
CA ASP A 359 -0.70 4.36 -27.01
C ASP A 359 -2.04 4.54 -27.75
N PRO A 360 -2.00 4.98 -29.02
CA PRO A 360 -3.27 5.10 -29.74
C PRO A 360 -4.03 3.79 -30.01
N ALA A 361 -3.33 2.68 -30.17
CA ALA A 361 -3.97 1.36 -30.35
C ALA A 361 -4.80 0.97 -29.12
N ASN A 362 -4.28 1.27 -27.94
CA ASN A 362 -4.98 1.01 -26.68
C ASN A 362 -6.24 1.85 -26.57
N ARG A 363 -6.12 3.15 -26.81
CA ARG A 363 -7.27 4.06 -26.87
C ARG A 363 -8.35 3.61 -27.84
N GLU A 364 -7.92 3.17 -29.01
CA GLU A 364 -8.84 2.68 -30.02
C GLU A 364 -9.64 1.48 -29.50
N LYS A 365 -8.95 0.51 -28.91
CA LYS A 365 -9.58 -0.71 -28.42
C LYS A 365 -10.61 -0.42 -27.31
N PHE A 366 -10.17 0.27 -26.27
CA PHE A 366 -11.03 0.64 -25.14
C PHE A 366 -12.20 1.52 -25.56
N ALA A 367 -11.90 2.57 -26.31
CA ALA A 367 -12.91 3.42 -26.95
C ALA A 367 -13.98 2.61 -27.67
N LYS A 368 -13.57 1.67 -28.50
CA LYS A 368 -14.49 0.83 -29.23
C LYS A 368 -15.32 -0.06 -28.30
N ALA A 369 -14.62 -0.74 -27.39
CA ALA A 369 -15.25 -1.59 -26.38
C ALA A 369 -16.23 -0.77 -25.56
N TRP A 370 -15.85 0.45 -25.23
CA TRP A 370 -16.67 1.27 -24.34
C TRP A 370 -17.72 2.10 -25.07
N GLY A 371 -17.81 1.94 -26.39
CA GLY A 371 -18.85 2.62 -27.15
C GLY A 371 -18.69 4.12 -27.17
N VAL A 372 -17.45 4.58 -27.20
CA VAL A 372 -17.18 5.99 -27.15
C VAL A 372 -16.29 6.39 -28.31
N GLU A 373 -16.41 7.65 -28.72
CA GLU A 373 -15.77 8.14 -29.93
C GLU A 373 -14.28 8.32 -29.70
N SER A 374 -13.93 8.86 -28.54
CA SER A 374 -12.55 9.20 -28.21
C SER A 374 -12.33 9.00 -26.70
N LEU A 375 -11.16 8.48 -26.34
CA LEU A 375 -10.74 8.41 -24.94
C LEU A 375 -9.52 9.32 -24.80
N PRO A 376 -9.37 9.99 -23.65
CA PRO A 376 -8.26 10.93 -23.51
C PRO A 376 -6.87 10.26 -23.44
N ALA A 377 -5.88 10.95 -23.98
CA ALA A 377 -4.54 10.40 -24.18
C ALA A 377 -3.52 10.93 -23.18
N HIS A 378 -3.83 12.04 -22.55
CA HIS A 378 -2.89 12.72 -21.68
C HIS A 378 -3.07 12.28 -20.25
N THR A 379 -1.97 12.18 -19.53
CA THR A 379 -1.92 11.64 -18.20
C THR A 379 -2.71 12.50 -17.21
N GLY A 380 -3.51 11.85 -16.37
CA GLY A 380 -4.34 12.56 -15.40
C GLY A 380 -3.54 13.01 -14.19
N TYR A 381 -4.23 13.67 -13.28
CA TYR A 381 -3.64 14.13 -12.03
C TYR A 381 -3.51 12.99 -11.03
N ARG A 382 -2.48 13.06 -10.21
CA ARG A 382 -2.23 12.14 -9.13
C ARG A 382 -2.99 12.66 -7.93
N ILE A 383 -3.56 11.76 -7.14
CA ILE A 383 -4.32 12.15 -5.95
C ILE A 383 -3.42 12.89 -4.94
N SER A 384 -2.11 12.64 -4.99
CA SER A 384 -1.16 13.32 -4.12
C SER A 384 -0.98 14.79 -4.48
N GLU A 385 -1.33 15.16 -5.70
CA GLU A 385 -1.30 16.55 -6.17
C GLU A 385 -2.58 17.31 -5.82
N LEU A 386 -3.56 16.64 -5.22
CA LEU A 386 -4.90 17.20 -4.99
C LEU A 386 -4.91 18.57 -4.30
N PRO A 387 -4.17 18.71 -3.18
CA PRO A 387 -4.11 20.03 -2.56
C PRO A 387 -3.63 21.14 -3.51
N HIS A 388 -2.60 20.85 -4.31
CA HIS A 388 -2.10 21.83 -5.27
C HIS A 388 -3.12 22.12 -6.37
N ARG A 389 -3.70 21.07 -6.96
CA ARG A 389 -4.73 21.25 -7.99
C ARG A 389 -5.94 21.99 -7.45
N ALA A 390 -6.37 21.65 -6.24
CA ALA A 390 -7.56 22.26 -5.65
C ALA A 390 -7.32 23.73 -5.36
N ALA A 391 -6.13 24.04 -4.87
CA ALA A 391 -5.75 25.41 -4.50
C ALA A 391 -5.67 26.31 -5.72
N HIS A 392 -5.12 25.78 -6.80
CA HIS A 392 -4.96 26.53 -8.03
C HIS A 392 -6.15 26.41 -8.99
N GLY A 393 -7.20 25.70 -8.57
CA GLY A 393 -8.44 25.62 -9.35
C GLY A 393 -8.47 24.61 -10.50
N GLU A 394 -7.47 23.75 -10.60
CA GLU A 394 -7.37 22.79 -11.69
C GLU A 394 -8.29 21.58 -11.50
N VAL A 395 -8.41 21.15 -10.24
CA VAL A 395 -9.41 20.17 -9.85
C VAL A 395 -10.46 20.90 -9.02
N ARG A 396 -11.73 20.69 -9.39
CA ARG A 396 -12.84 21.32 -8.71
C ARG A 396 -13.64 20.33 -7.88
N ALA A 397 -13.63 19.06 -8.27
CA ALA A 397 -14.35 17.99 -7.56
C ALA A 397 -13.47 16.80 -7.34
N ALA A 398 -13.58 16.20 -6.16
CA ALA A 398 -12.94 14.94 -5.85
C ALA A 398 -14.02 13.89 -5.58
N TYR A 399 -13.93 12.76 -6.28
CA TYR A 399 -14.74 11.56 -5.97
C TYR A 399 -13.78 10.57 -5.28
N ILE A 400 -13.82 10.57 -3.95
CA ILE A 400 -12.93 9.78 -3.13
C ILE A 400 -13.65 8.55 -2.62
N MET A 401 -13.25 7.41 -3.15
CA MET A 401 -13.78 6.14 -2.80
C MET A 401 -12.74 5.32 -2.02
N GLY A 402 -13.09 4.90 -0.82
CA GLY A 402 -12.28 3.94 -0.08
C GLY A 402 -10.86 4.39 0.15
N GLU A 403 -10.71 5.67 0.50
CA GLU A 403 -9.45 6.28 0.95
C GLU A 403 -9.77 7.22 2.09
N ASP A 404 -8.83 7.40 3.01
CA ASP A 404 -9.05 8.28 4.14
C ASP A 404 -7.88 9.28 4.26
N PRO A 405 -7.73 10.21 3.28
CA PRO A 405 -6.64 11.20 3.30
C PRO A 405 -6.61 12.14 4.52
N LEU A 406 -7.76 12.50 5.08
CA LEU A 406 -7.80 13.36 6.27
C LEU A 406 -7.35 12.64 7.53
N GLN A 407 -7.21 11.31 7.46
CA GLN A 407 -6.49 10.57 8.49
C GLN A 407 -5.05 10.33 8.07
N THR A 408 -4.89 9.66 6.91
CA THR A 408 -3.69 8.88 6.57
C THR A 408 -2.71 9.50 5.53
N ASP A 409 -2.81 10.82 5.32
CA ASP A 409 -1.95 11.54 4.35
C ASP A 409 -1.06 12.51 5.14
N ALA A 410 0.19 12.71 4.69
CA ALA A 410 1.14 13.62 5.37
C ALA A 410 0.60 15.04 5.44
N GLU A 411 0.83 15.72 6.58
CA GLU A 411 0.23 17.02 6.88
C GLU A 411 -1.29 17.02 6.62
N LEU A 412 -2.05 16.84 7.70
CA LEU A 412 -3.51 16.66 7.60
C LEU A 412 -4.25 17.98 7.31
N SER A 413 -3.63 19.12 7.61
CA SER A 413 -4.25 20.42 7.33
C SER A 413 -4.10 20.81 5.85
N ALA A 414 -3.22 20.13 5.11
CA ALA A 414 -3.12 20.29 3.66
C ALA A 414 -4.36 19.75 2.94
N VAL A 415 -4.70 18.49 3.19
CA VAL A 415 -5.85 17.87 2.53
C VAL A 415 -7.18 18.44 3.07
N ARG A 416 -7.16 18.92 4.31
CA ARG A 416 -8.31 19.62 4.87
C ARG A 416 -8.61 20.89 4.06
N LYS A 417 -7.60 21.73 3.85
CA LYS A 417 -7.78 22.94 3.03
C LYS A 417 -8.12 22.57 1.57
N ALA A 418 -7.52 21.49 1.08
CA ALA A 418 -7.92 20.90 -0.20
C ALA A 418 -9.43 20.67 -0.29
N PHE A 419 -10.02 20.10 0.75
CA PHE A 419 -11.48 19.86 0.78
C PHE A 419 -12.27 21.17 0.83
N GLU A 420 -11.70 22.18 1.47
CA GLU A 420 -12.25 23.52 1.48
C GLU A 420 -12.16 24.22 0.12
N ASP A 421 -11.03 24.04 -0.57
CA ASP A 421 -10.82 24.70 -1.86
C ASP A 421 -11.68 24.06 -2.93
N LEU A 422 -11.99 22.77 -2.75
CA LEU A 422 -12.77 22.04 -3.72
C LEU A 422 -14.24 22.44 -3.67
N GLU A 423 -14.89 22.33 -4.82
CA GLU A 423 -16.29 22.66 -4.99
C GLU A 423 -17.19 21.55 -4.45
N LEU A 424 -16.72 20.31 -4.62
CA LEU A 424 -17.49 19.12 -4.33
C LEU A 424 -16.54 18.01 -3.93
N VAL A 425 -16.81 17.41 -2.76
CA VAL A 425 -16.08 16.26 -2.31
C VAL A 425 -17.11 15.17 -2.03
N ILE A 426 -16.97 14.06 -2.73
CA ILE A 426 -17.79 12.89 -2.53
C ILE A 426 -16.88 11.87 -1.87
N VAL A 427 -17.35 11.26 -0.79
CA VAL A 427 -16.63 10.17 -0.13
C VAL A 427 -17.50 8.95 -0.10
N GLN A 428 -16.98 7.86 -0.68
CA GLN A 428 -17.68 6.58 -0.74
C GLN A 428 -16.89 5.65 0.13
N ASP A 429 -17.48 5.27 1.26
CA ASP A 429 -16.78 4.46 2.24
C ASP A 429 -17.78 3.57 2.98
N ILE A 430 -17.26 2.77 3.90
CA ILE A 430 -18.08 1.90 4.74
C ILE A 430 -18.16 2.40 6.19
N PHE A 431 -17.31 3.35 6.54
CA PHE A 431 -17.29 3.93 7.89
C PHE A 431 -17.28 5.46 7.89
N MET A 432 -17.83 6.06 8.93
CA MET A 432 -17.68 7.49 9.15
C MET A 432 -16.23 7.81 9.56
N THR A 433 -15.40 7.99 8.54
CA THR A 433 -13.99 8.28 8.72
C THR A 433 -13.84 9.78 8.90
N LYS A 434 -12.61 10.22 9.22
CA LYS A 434 -12.34 11.62 9.32
C LYS A 434 -12.67 12.28 7.99
N THR A 435 -12.27 11.62 6.92
CA THR A 435 -12.48 12.11 5.57
C THR A 435 -13.96 12.20 5.18
N ALA A 436 -14.71 11.13 5.44
CA ALA A 436 -16.13 11.11 5.13
C ALA A 436 -16.85 12.19 5.89
N SER A 437 -16.42 12.43 7.12
CA SER A 437 -17.06 13.43 7.97
C SER A 437 -16.79 14.85 7.46
N ALA A 438 -15.79 15.02 6.59
CA ALA A 438 -15.51 16.33 5.97
C ALA A 438 -16.06 16.45 4.53
N ALA A 439 -16.84 15.48 4.08
CA ALA A 439 -17.35 15.40 2.70
C ALA A 439 -18.60 16.25 2.50
N ASP A 440 -18.93 16.51 1.23
CA ASP A 440 -20.21 17.13 0.87
C ASP A 440 -21.27 16.07 0.68
N VAL A 441 -20.86 14.95 0.10
CA VAL A 441 -21.75 13.82 -0.04
C VAL A 441 -21.05 12.55 0.38
N ILE A 442 -21.78 11.75 1.15
CA ILE A 442 -21.35 10.43 1.55
C ILE A 442 -22.19 9.37 0.85
N LEU A 443 -21.54 8.43 0.18
CA LEU A 443 -22.23 7.29 -0.44
C LEU A 443 -21.74 6.01 0.27
N PRO A 444 -22.64 5.35 1.02
CA PRO A 444 -22.23 4.17 1.77
C PRO A 444 -22.20 2.94 0.87
N SER A 445 -21.06 2.25 0.86
CA SER A 445 -20.94 1.04 0.09
C SER A 445 -21.08 -0.19 0.97
N THR A 446 -21.24 -1.33 0.31
CA THR A 446 -21.12 -2.59 0.99
C THR A 446 -19.65 -2.76 1.35
N SER A 447 -19.41 -3.63 2.30
CA SER A 447 -18.10 -3.94 2.79
C SER A 447 -17.71 -5.32 2.32
N TRP A 448 -16.42 -5.61 2.42
CA TRP A 448 -15.93 -6.99 2.42
C TRP A 448 -16.79 -7.77 3.40
N GLY A 449 -17.23 -8.98 3.02
CA GLY A 449 -18.18 -9.81 3.80
C GLY A 449 -19.58 -9.76 3.22
N GLU A 450 -19.96 -8.57 2.73
CA GLU A 450 -21.27 -8.27 2.19
C GLU A 450 -21.30 -8.19 0.66
N HIS A 451 -20.15 -8.35 0.01
CA HIS A 451 -20.08 -8.44 -1.45
C HIS A 451 -18.93 -9.36 -1.85
N GLU A 452 -18.71 -9.51 -3.16
CA GLU A 452 -17.70 -10.42 -3.71
C GLU A 452 -16.82 -9.73 -4.73
N GLY A 453 -15.79 -10.43 -5.17
CA GLY A 453 -14.94 -9.92 -6.26
C GLY A 453 -13.61 -10.62 -6.34
N VAL A 454 -12.60 -9.88 -6.73
CA VAL A 454 -11.25 -10.38 -6.89
C VAL A 454 -10.30 -9.39 -6.23
N PHE A 455 -9.35 -9.88 -5.46
CA PHE A 455 -8.21 -9.08 -4.99
C PHE A 455 -6.97 -9.59 -5.69
N THR A 456 -5.97 -8.73 -5.88
CA THR A 456 -4.65 -9.19 -6.31
C THR A 456 -3.70 -9.09 -5.11
N ALA A 457 -3.14 -10.21 -4.71
CA ALA A 457 -2.18 -10.27 -3.60
C ALA A 457 -0.84 -9.65 -3.98
N ALA A 458 0.05 -9.57 -2.98
CA ALA A 458 1.33 -8.85 -3.10
C ALA A 458 2.12 -9.20 -4.37
N ASP A 459 2.01 -10.46 -4.80
CA ASP A 459 2.88 -10.99 -5.87
C ASP A 459 2.13 -11.17 -7.18
N ARG A 460 1.01 -10.45 -7.29
CA ARG A 460 0.12 -10.37 -8.44
C ARG A 460 -0.83 -11.57 -8.65
N GLY A 461 -0.97 -12.35 -7.58
CA GLY A 461 -1.92 -13.44 -7.50
C GLY A 461 -3.38 -12.97 -7.35
N PHE A 462 -4.15 -13.18 -8.42
CA PHE A 462 -5.59 -12.96 -8.42
C PHE A 462 -6.27 -14.05 -7.58
N GLN A 463 -7.19 -13.62 -6.74
CA GLN A 463 -7.97 -14.54 -5.89
C GLN A 463 -9.38 -14.03 -5.77
N ARG A 464 -10.31 -14.96 -5.72
CA ARG A 464 -11.71 -14.65 -5.52
C ARG A 464 -12.05 -14.60 -4.03
N PHE A 465 -12.98 -13.72 -3.71
CA PHE A 465 -13.56 -13.68 -2.40
C PHE A 465 -15.07 -13.59 -2.56
N PHE A 466 -15.78 -14.30 -1.70
CA PHE A 466 -17.20 -14.49 -1.88
C PHE A 466 -17.99 -13.77 -0.83
N LYS A 467 -19.23 -13.52 -1.18
CA LYS A 467 -20.19 -12.84 -0.32
C LYS A 467 -20.66 -13.82 0.74
N ALA A 468 -20.50 -13.45 2.00
CA ALA A 468 -20.82 -14.33 3.12
C ALA A 468 -22.17 -14.00 3.72
N VAL A 469 -22.52 -12.72 3.69
CA VAL A 469 -23.62 -12.19 4.44
C VAL A 469 -24.26 -11.03 3.67
N GLU A 470 -25.55 -10.82 3.87
CA GLU A 470 -26.27 -9.67 3.29
C GLU A 470 -26.03 -8.41 4.10
N PRO A 471 -25.93 -7.25 3.43
CA PRO A 471 -25.87 -6.00 4.21
C PRO A 471 -27.19 -5.80 4.98
N LYS A 472 -27.10 -5.28 6.18
CA LYS A 472 -28.29 -5.06 7.00
C LYS A 472 -29.03 -3.80 6.59
N TRP A 473 -28.34 -2.88 5.94
CA TRP A 473 -28.94 -1.66 5.48
C TRP A 473 -28.97 -1.66 3.98
N ASP A 474 -29.69 -0.67 3.45
CA ASP A 474 -29.79 -0.39 2.03
C ASP A 474 -28.45 0.14 1.49
N LEU A 475 -27.55 -0.80 1.23
CA LEU A 475 -26.25 -0.51 0.65
C LEU A 475 -26.19 -1.00 -0.80
N LYS A 476 -25.33 -0.33 -1.56
CA LYS A 476 -24.96 -0.71 -2.91
C LYS A 476 -23.47 -1.02 -2.89
N THR A 477 -23.06 -1.91 -3.79
CA THR A 477 -21.64 -2.13 -4.00
C THR A 477 -21.03 -0.87 -4.65
N ASP A 478 -19.72 -0.70 -4.51
CA ASP A 478 -19.08 0.47 -5.05
C ASP A 478 -19.35 0.60 -6.56
N TRP A 479 -19.30 -0.54 -7.26
CA TRP A 479 -19.49 -0.53 -8.72
C TRP A 479 -20.96 -0.29 -9.11
N GLN A 480 -21.91 -0.71 -8.28
CA GLN A 480 -23.30 -0.32 -8.43
C GLN A 480 -23.47 1.20 -8.36
N ILE A 481 -22.80 1.81 -7.40
CA ILE A 481 -22.91 3.26 -7.20
C ILE A 481 -22.37 4.03 -8.41
N ILE A 482 -21.17 3.66 -8.84
CA ILE A 482 -20.51 4.30 -9.96
C ILE A 482 -21.35 4.13 -11.24
N SER A 483 -21.73 2.89 -11.51
CA SER A 483 -22.60 2.55 -12.66
C SER A 483 -23.89 3.37 -12.72
N GLU A 484 -24.52 3.58 -11.57
CA GLU A 484 -25.74 4.35 -11.53
C GLU A 484 -25.53 5.83 -11.76
N ILE A 485 -24.41 6.35 -11.25
CA ILE A 485 -24.01 7.72 -11.50
C ILE A 485 -23.72 7.88 -13.00
N ALA A 486 -22.99 6.92 -13.54
CA ALA A 486 -22.63 6.86 -14.94
C ALA A 486 -23.85 6.89 -15.84
N THR A 487 -24.86 6.08 -15.50
CA THR A 487 -26.10 6.04 -16.26
C THR A 487 -26.89 7.34 -16.16
N ARG A 488 -26.93 7.93 -14.97
CA ARG A 488 -27.61 9.20 -14.74
C ARG A 488 -26.90 10.36 -15.40
N MET A 489 -25.61 10.16 -15.73
CA MET A 489 -24.83 11.13 -16.52
C MET A 489 -24.92 10.91 -18.02
N GLY A 490 -25.69 9.91 -18.44
CA GLY A 490 -26.00 9.66 -19.87
C GLY A 490 -25.22 8.51 -20.49
N TYR A 491 -24.47 7.77 -19.67
CA TYR A 491 -23.68 6.69 -20.19
C TYR A 491 -24.23 5.36 -19.62
N PRO A 492 -24.90 4.55 -20.46
CA PRO A 492 -25.49 3.32 -19.93
C PRO A 492 -24.46 2.38 -19.32
N MET A 493 -24.60 2.14 -18.01
CA MET A 493 -23.75 1.19 -17.34
C MET A 493 -24.51 0.46 -16.25
N HIS A 494 -24.50 -0.87 -16.35
CA HIS A 494 -24.99 -1.68 -15.27
C HIS A 494 -24.37 -3.05 -15.37
N TYR A 495 -24.20 -3.67 -14.20
CA TYR A 495 -23.74 -5.03 -14.09
C TYR A 495 -24.62 -5.78 -13.12
N ASN A 496 -24.86 -7.05 -13.43
CA ASN A 496 -25.66 -7.90 -12.57
C ASN A 496 -24.82 -8.56 -11.51
N ASN A 497 -23.51 -8.62 -11.76
CA ASN A 497 -22.60 -9.24 -10.83
C ASN A 497 -21.15 -8.88 -11.18
N THR A 498 -20.22 -9.16 -10.28
CA THR A 498 -18.80 -8.88 -10.52
C THR A 498 -18.20 -9.73 -11.66
N GLN A 499 -18.74 -10.91 -11.90
CA GLN A 499 -18.25 -11.69 -13.04
C GLN A 499 -18.44 -10.98 -14.37
N GLU A 500 -19.54 -10.23 -14.50
CA GLU A 500 -19.78 -9.48 -15.73
C GLU A 500 -18.70 -8.43 -15.93
N ILE A 501 -18.36 -7.73 -14.86
CA ILE A 501 -17.31 -6.70 -14.90
C ILE A 501 -15.96 -7.34 -15.18
N TRP A 502 -15.66 -8.44 -14.48
CA TRP A 502 -14.40 -9.13 -14.63
C TRP A 502 -14.22 -9.69 -16.02
N ASP A 503 -15.29 -10.24 -16.60
CA ASP A 503 -15.26 -10.81 -17.96
C ASP A 503 -15.05 -9.73 -19.06
N GLU A 504 -15.63 -8.56 -18.84
CA GLU A 504 -15.42 -7.42 -19.73
C GLU A 504 -13.92 -6.99 -19.76
N LEU A 505 -13.32 -6.84 -18.58
CA LEU A 505 -11.92 -6.43 -18.53
C LEU A 505 -11.00 -7.54 -19.03
N ARG A 506 -11.32 -8.78 -18.75
CA ARG A 506 -10.62 -9.91 -19.33
C ARG A 506 -10.48 -9.77 -20.84
N HIS A 507 -11.59 -9.49 -21.52
CA HIS A 507 -11.59 -9.35 -22.99
C HIS A 507 -10.85 -8.11 -23.52
N LEU A 508 -10.56 -7.17 -22.62
CA LEU A 508 -9.80 -5.96 -22.94
C LEU A 508 -8.34 -6.00 -22.47
N CYS A 509 -7.98 -6.99 -21.65
CA CYS A 509 -6.66 -7.10 -21.04
C CYS A 509 -6.01 -8.46 -21.33
N PRO A 510 -5.17 -8.52 -22.39
CA PRO A 510 -4.55 -9.78 -22.77
C PRO A 510 -3.81 -10.52 -21.65
N ASP A 511 -3.23 -9.79 -20.70
CA ASP A 511 -2.50 -10.41 -19.60
C ASP A 511 -3.39 -10.91 -18.46
N PHE A 512 -4.68 -10.56 -18.49
CA PHE A 512 -5.65 -11.07 -17.51
C PHE A 512 -6.68 -12.03 -18.12
N TYR A 513 -6.69 -12.16 -19.46
CA TYR A 513 -7.78 -12.84 -20.16
C TYR A 513 -8.00 -14.30 -19.71
N GLY A 514 -6.93 -15.00 -19.39
CA GLY A 514 -7.02 -16.39 -18.98
C GLY A 514 -7.55 -16.65 -17.58
N ALA A 515 -7.59 -15.60 -16.77
CA ALA A 515 -7.92 -15.71 -15.36
C ALA A 515 -9.42 -15.58 -15.21
N THR A 516 -10.14 -16.58 -15.69
CA THR A 516 -11.58 -16.67 -15.50
C THR A 516 -11.92 -16.91 -14.00
N TYR A 517 -13.15 -16.55 -13.60
CA TYR A 517 -13.75 -16.94 -12.30
C TYR A 517 -13.63 -18.43 -11.93
N GLU A 518 -13.86 -19.29 -12.92
CA GLU A 518 -13.80 -20.74 -12.77
C GLU A 518 -12.37 -21.16 -12.45
N LYS A 519 -11.39 -20.57 -13.10
CA LYS A 519 -10.00 -20.92 -12.83
C LYS A 519 -9.59 -20.45 -11.42
N MET A 520 -10.01 -19.24 -11.02
CA MET A 520 -9.73 -18.78 -9.67
C MET A 520 -10.49 -19.59 -8.61
N GLY A 521 -11.77 -19.84 -8.82
CA GLY A 521 -12.57 -20.60 -7.87
C GLY A 521 -12.42 -20.16 -6.42
N GLU A 522 -12.68 -21.07 -5.49
CA GLU A 522 -12.65 -20.78 -4.05
C GLU A 522 -11.22 -20.67 -3.48
N LEU A 523 -10.30 -21.45 -4.03
CA LEU A 523 -8.96 -21.56 -3.49
C LEU A 523 -7.82 -21.34 -4.50
N GLY A 524 -8.14 -21.09 -5.76
CA GLY A 524 -7.14 -20.85 -6.78
C GLY A 524 -6.44 -19.52 -6.59
N PHE A 525 -5.16 -19.47 -6.97
CA PHE A 525 -4.29 -18.28 -6.86
C PHE A 525 -3.65 -18.05 -8.23
N ILE A 526 -4.13 -17.07 -8.98
CA ILE A 526 -3.72 -16.99 -10.40
C ILE A 526 -2.91 -15.74 -10.62
N GLN A 527 -1.61 -15.88 -10.70
CA GLN A 527 -0.74 -14.71 -10.88
C GLN A 527 -0.73 -14.33 -12.34
N TRP A 528 -0.85 -13.05 -12.60
CA TRP A 528 -0.80 -12.55 -13.96
C TRP A 528 0.65 -12.31 -14.34
N PRO A 529 0.97 -12.36 -15.63
CA PRO A 529 0.11 -12.69 -16.78
C PRO A 529 -0.53 -14.09 -16.78
N CYS A 530 -1.81 -14.11 -17.15
CA CYS A 530 -2.52 -15.35 -17.43
C CYS A 530 -3.31 -15.06 -18.70
N ARG A 531 -2.84 -15.64 -19.81
CA ARG A 531 -3.25 -15.21 -21.16
C ARG A 531 -4.27 -16.10 -21.86
N ASP A 532 -4.27 -17.37 -21.49
CA ASP A 532 -5.14 -18.37 -22.08
C ASP A 532 -6.13 -18.87 -21.03
N THR A 533 -7.42 -18.92 -21.41
CA THR A 533 -8.48 -19.44 -20.54
C THR A 533 -8.33 -20.94 -20.24
N SER A 534 -7.58 -21.64 -21.08
CA SER A 534 -7.28 -23.05 -20.86
C SER A 534 -6.73 -23.27 -19.46
N ASP A 535 -7.13 -24.36 -18.82
CA ASP A 535 -6.65 -24.66 -17.46
C ASP A 535 -5.14 -24.99 -17.47
N ALA A 536 -4.57 -25.13 -18.67
CA ALA A 536 -3.11 -25.24 -18.86
C ALA A 536 -2.36 -23.99 -18.42
N ASP A 537 -3.01 -22.83 -18.50
CA ASP A 537 -2.38 -21.59 -18.10
C ASP A 537 -2.92 -21.20 -16.71
N GLN A 538 -2.07 -21.39 -15.70
CA GLN A 538 -2.39 -21.09 -14.31
C GLN A 538 -1.70 -19.84 -13.81
N GLY A 539 -1.14 -19.07 -14.73
CA GLY A 539 -0.49 -17.82 -14.41
C GLY A 539 1.03 -17.84 -14.48
N THR A 540 1.64 -16.76 -14.04
CA THR A 540 3.07 -16.59 -14.11
C THR A 540 3.58 -16.44 -12.69
N SER A 541 4.35 -17.44 -12.23
CA SER A 541 4.93 -17.36 -10.91
C SER A 541 5.94 -16.21 -10.84
N TYR A 542 6.85 -16.13 -11.82
CA TYR A 542 7.87 -15.08 -11.82
C TYR A 542 8.01 -14.42 -13.20
N LEU A 543 8.42 -13.15 -13.15
CA LEU A 543 8.56 -12.30 -14.31
C LEU A 543 9.96 -12.37 -14.86
N PHE A 544 10.06 -12.07 -16.15
CA PHE A 544 11.31 -11.78 -16.87
C PHE A 544 12.13 -13.01 -17.25
N LYS A 545 11.47 -14.15 -17.43
CA LYS A 545 12.18 -15.37 -17.84
C LYS A 545 12.95 -15.20 -19.17
N GLU A 546 12.35 -14.52 -20.14
CA GLU A 546 12.96 -14.36 -21.45
C GLU A 546 13.57 -12.96 -21.64
N LYS A 547 12.81 -11.94 -21.32
CA LYS A 547 13.27 -10.56 -21.43
C LYS A 547 12.66 -9.71 -20.35
N PHE A 548 13.17 -8.49 -20.18
CA PHE A 548 12.54 -7.53 -19.29
C PHE A 548 11.44 -6.77 -20.00
N ASP A 549 10.63 -6.03 -19.26
CA ASP A 549 9.51 -5.30 -19.87
C ASP A 549 9.87 -3.84 -20.21
N THR A 550 11.18 -3.56 -20.31
CA THR A 550 11.71 -2.25 -20.71
C THR A 550 11.61 -2.15 -22.23
N PRO A 551 11.57 -0.91 -22.79
CA PRO A 551 11.41 -0.76 -24.24
C PRO A 551 12.25 -1.73 -25.10
N ASN A 552 13.54 -1.87 -24.79
CA ASN A 552 14.40 -2.79 -25.54
C ASN A 552 14.68 -4.11 -24.82
N GLY A 553 13.92 -4.42 -23.78
CA GLY A 553 14.02 -5.70 -23.09
C GLY A 553 15.25 -5.94 -22.22
N LEU A 554 16.14 -4.97 -22.15
CA LEU A 554 17.29 -5.05 -21.25
C LEU A 554 16.98 -4.33 -19.93
N ALA A 555 17.44 -4.88 -18.82
CA ALA A 555 17.31 -4.20 -17.53
C ALA A 555 18.29 -3.03 -17.49
N GLN A 556 17.94 -1.99 -16.74
CA GLN A 556 18.67 -0.75 -16.74
C GLN A 556 19.31 -0.50 -15.37
N PHE A 557 20.63 -0.38 -15.36
CA PHE A 557 21.38 -0.13 -14.13
C PHE A 557 21.18 1.30 -13.63
N PHE A 558 21.19 1.47 -12.32
CA PHE A 558 21.12 2.78 -11.73
C PHE A 558 21.57 2.74 -10.27
N THR A 559 22.38 3.73 -9.93
CA THR A 559 22.48 4.20 -8.57
C THR A 559 22.90 5.63 -8.63
N CYS A 560 23.17 6.22 -7.48
CA CYS A 560 23.59 7.59 -7.41
C CYS A 560 24.39 7.82 -6.14
N ASP A 561 24.81 9.06 -5.94
CA ASP A 561 25.57 9.44 -4.77
C ASP A 561 24.67 9.44 -3.54
N TRP A 562 25.27 9.15 -2.39
CA TRP A 562 24.53 9.25 -1.16
C TRP A 562 24.39 10.73 -0.77
N VAL A 563 23.20 11.10 -0.32
CA VAL A 563 22.91 12.45 0.15
C VAL A 563 22.25 12.32 1.53
N ALA A 564 22.85 12.95 2.54
CA ALA A 564 22.34 12.89 3.92
C ALA A 564 20.91 13.43 4.00
N PRO A 565 20.06 12.80 4.83
CA PRO A 565 18.68 13.28 5.03
C PRO A 565 18.56 14.81 5.25
N ILE A 566 17.49 15.40 4.71
CA ILE A 566 17.29 16.87 4.72
C ILE A 566 17.14 17.40 6.15
N ASP A 567 16.34 16.70 6.96
CA ASP A 567 16.23 17.01 8.39
C ASP A 567 17.47 16.49 9.09
N LYS A 568 18.45 17.37 9.33
CA LYS A 568 19.65 16.96 10.05
C LYS A 568 19.32 16.94 11.55
N LEU A 569 20.22 16.33 12.33
CA LEU A 569 20.09 16.29 13.78
C LEU A 569 20.87 17.47 14.39
N THR A 570 20.46 17.82 15.60
CA THR A 570 21.02 18.94 16.34
C THR A 570 21.04 18.54 17.82
N ASP A 571 21.63 19.38 18.68
CA ASP A 571 21.47 19.20 20.12
C ASP A 571 20.02 19.55 20.55
N GLU A 572 19.36 20.40 19.77
CA GLU A 572 17.95 20.74 19.98
C GLU A 572 17.03 19.59 19.53
N TYR A 573 17.42 18.87 18.48
CA TYR A 573 16.65 17.71 17.98
C TYR A 573 17.59 16.54 17.71
N PRO A 574 18.01 15.84 18.79
CA PRO A 574 19.05 14.81 18.67
C PRO A 574 18.59 13.38 18.35
N MET A 575 17.28 13.20 18.09
CA MET A 575 16.72 11.86 17.82
C MET A 575 16.15 11.79 16.41
N VAL A 576 16.28 10.63 15.78
CA VAL A 576 15.53 10.34 14.55
C VAL A 576 14.15 9.81 14.93
N LEU A 577 13.11 10.35 14.31
CA LEU A 577 11.80 9.71 14.33
C LEU A 577 11.59 8.95 13.00
N SER A 578 11.03 7.75 13.13
CA SER A 578 10.57 6.96 11.98
C SER A 578 9.30 6.21 12.35
N THR A 579 8.52 5.82 11.35
CA THR A 579 7.28 5.10 11.58
C THR A 579 7.40 3.60 11.28
N VAL A 580 6.56 2.80 11.93
CA VAL A 580 6.71 1.37 11.98
C VAL A 580 5.34 0.72 12.20
N ARG A 581 5.06 -0.42 11.54
CA ARG A 581 3.78 -1.12 11.71
C ARG A 581 3.80 -2.01 12.93
N GLU A 582 2.62 -2.33 13.46
CA GLU A 582 2.50 -3.29 14.56
C GLU A 582 1.43 -4.30 14.18
N VAL A 583 1.71 -5.58 14.44
CA VAL A 583 0.90 -6.71 13.92
C VAL A 583 -0.60 -6.65 14.26
N GLY A 584 -0.92 -6.16 15.45
CA GLY A 584 -2.27 -6.28 16.00
C GLY A 584 -3.29 -5.32 15.46
N HIS A 585 -2.85 -4.24 14.83
CA HIS A 585 -3.78 -3.25 14.29
C HIS A 585 -3.43 -2.85 12.88
N TYR A 586 -4.45 -2.46 12.12
CA TYR A 586 -4.26 -2.04 10.76
C TYR A 586 -4.41 -0.53 10.66
N SER A 587 -3.80 0.06 9.63
CA SER A 587 -3.54 1.50 9.51
C SER A 587 -4.74 2.45 9.69
N CYS A 588 -5.73 2.39 8.77
CA CYS A 588 -6.92 3.25 8.91
C CYS A 588 -7.50 3.11 10.30
N ARG A 589 -7.43 1.87 10.80
CA ARG A 589 -7.93 1.51 12.12
C ARG A 589 -9.45 1.55 12.22
N SER A 590 -10.14 1.96 11.16
CA SER A 590 -11.61 1.94 11.16
C SER A 590 -12.11 0.51 11.19
N MET A 591 -11.31 -0.43 10.66
CA MET A 591 -11.64 -1.84 10.67
C MET A 591 -11.12 -2.57 11.92
N THR A 592 -9.82 -2.55 12.20
CA THR A 592 -9.31 -3.27 13.38
C THR A 592 -9.77 -2.65 14.68
N GLY A 593 -9.89 -1.33 14.70
CA GLY A 593 -10.36 -0.62 15.90
C GLY A 593 -11.83 -0.79 16.18
N ASN A 594 -12.58 -1.28 15.19
CA ASN A 594 -13.99 -1.64 15.36
C ASN A 594 -14.19 -3.14 15.53
N CYS A 595 -13.11 -3.87 15.83
CA CYS A 595 -13.18 -5.29 16.15
C CYS A 595 -12.95 -5.45 17.65
N ALA A 596 -13.92 -6.01 18.35
CA ALA A 596 -13.88 -6.06 19.83
C ALA A 596 -12.59 -6.62 20.39
N ALA A 597 -12.05 -7.64 19.73
CA ALA A 597 -10.92 -8.38 20.25
C ALA A 597 -9.64 -7.63 19.99
N LEU A 598 -9.51 -7.09 18.77
CA LEU A 598 -8.35 -6.32 18.37
C LEU A 598 -8.30 -4.97 19.07
N ALA A 599 -9.46 -4.36 19.30
CA ALA A 599 -9.53 -3.07 19.95
C ALA A 599 -8.99 -3.13 21.38
N ALA A 600 -9.27 -4.24 22.07
CA ALA A 600 -8.76 -4.45 23.43
C ALA A 600 -7.24 -4.52 23.49
N LEU A 601 -6.60 -4.73 22.36
CA LEU A 601 -5.15 -4.93 22.33
C LEU A 601 -4.35 -3.62 22.42
N ALA A 602 -4.69 -2.63 21.61
CA ALA A 602 -3.84 -1.43 21.46
C ALA A 602 -4.41 -0.17 22.15
N ASP A 603 -3.62 0.40 23.07
CA ASP A 603 -4.03 1.59 23.84
C ASP A 603 -3.91 2.89 23.01
N GLU A 604 -4.58 3.95 23.46
CA GLU A 604 -4.39 5.31 22.92
C GLU A 604 -3.51 6.03 23.93
N PRO A 605 -2.63 6.93 23.48
CA PRO A 605 -2.53 7.52 22.16
C PRO A 605 -1.77 6.66 21.14
N GLY A 606 -1.32 5.48 21.54
CA GLY A 606 -0.45 4.66 20.71
C GLY A 606 0.94 4.65 21.33
N TYR A 607 1.87 3.96 20.68
CA TYR A 607 3.18 3.71 21.25
C TYR A 607 4.33 4.29 20.39
N ALA A 608 5.40 4.66 21.09
CA ALA A 608 6.66 5.08 20.47
C ALA A 608 7.74 4.19 21.03
N GLN A 609 8.40 3.41 20.18
CA GLN A 609 9.50 2.57 20.65
C GLN A 609 10.71 3.43 20.93
N ILE A 610 11.22 3.38 22.16
CA ILE A 610 12.42 4.11 22.56
C ILE A 610 13.49 3.15 23.08
N ASN A 611 14.73 3.39 22.66
CA ASN A 611 15.88 2.63 23.17
C ASN A 611 16.00 2.79 24.70
N THR A 612 16.23 1.67 25.37
CA THR A 612 16.45 1.65 26.83
C THR A 612 17.40 2.75 27.32
N GLU A 613 18.59 2.84 26.73
CA GLU A 613 19.60 3.83 27.14
C GLU A 613 19.13 5.27 26.91
N ASP A 614 18.48 5.52 25.78
CA ASP A 614 17.92 6.84 25.50
C ASP A 614 16.92 7.19 26.61
N ALA A 615 16.04 6.24 26.91
CA ALA A 615 15.01 6.41 27.94
C ALA A 615 15.61 6.63 29.33
N LYS A 616 16.59 5.81 29.71
CA LYS A 616 17.37 6.03 30.95
C LYS A 616 17.85 7.47 31.03
N ARG A 617 18.61 7.88 30.02
CA ARG A 617 19.16 9.24 29.95
C ARG A 617 18.09 10.33 30.03
N LEU A 618 16.96 10.11 29.36
CA LEU A 618 15.93 11.16 29.28
C LEU A 618 14.97 11.18 30.47
N GLY A 619 15.06 10.18 31.34
CA GLY A 619 14.11 10.02 32.44
C GLY A 619 12.73 9.61 31.95
N ILE A 620 12.71 8.69 30.98
CA ILE A 620 11.45 8.20 30.41
C ILE A 620 11.24 6.77 30.86
N GLU A 621 10.12 6.51 31.55
CA GLU A 621 9.80 5.15 31.99
C GLU A 621 8.88 4.43 30.99
N ASP A 622 8.93 3.10 31.00
CA ASP A 622 8.12 2.29 30.09
C ASP A 622 6.66 2.48 30.42
N GLU A 623 5.81 2.57 29.40
CA GLU A 623 4.36 2.81 29.56
C GLU A 623 4.02 4.27 29.85
N ALA A 624 5.03 5.08 30.19
CA ALA A 624 4.81 6.48 30.56
C ALA A 624 4.57 7.33 29.33
N LEU A 625 3.59 8.24 29.39
CA LEU A 625 3.33 9.13 28.26
C LEU A 625 4.54 10.04 28.10
N VAL A 626 4.70 10.59 26.90
CA VAL A 626 5.90 11.33 26.54
C VAL A 626 5.50 12.32 25.45
N TRP A 627 6.22 13.44 25.35
CA TRP A 627 6.04 14.40 24.24
C TRP A 627 7.18 14.19 23.22
N VAL A 628 6.84 14.31 21.94
CA VAL A 628 7.81 14.24 20.86
C VAL A 628 7.80 15.56 20.10
N HIS A 629 8.92 16.27 20.15
CA HIS A 629 9.02 17.60 19.56
C HIS A 629 9.77 17.58 18.23
N SER A 630 9.09 17.99 17.16
CA SER A 630 9.73 18.24 15.86
C SER A 630 9.72 19.75 15.54
N ARG A 631 9.52 20.09 14.27
CA ARG A 631 9.34 21.49 13.85
C ARG A 631 7.96 21.63 13.21
N LYS A 632 7.27 22.73 13.55
CA LYS A 632 5.84 22.87 13.28
C LYS A 632 5.18 21.53 13.61
N GLY A 633 5.30 21.15 14.88
CA GLY A 633 4.83 19.86 15.34
C GLY A 633 5.28 19.51 16.75
N LYS A 634 4.35 18.94 17.51
CA LYS A 634 4.63 18.32 18.79
C LYS A 634 3.54 17.28 19.04
N ILE A 635 3.91 16.10 19.54
CA ILE A 635 2.92 15.04 19.71
C ILE A 635 3.12 14.24 21.00
N ILE A 636 2.01 13.76 21.57
CA ILE A 636 2.00 12.97 22.79
C ILE A 636 1.87 11.48 22.43
N THR A 637 2.71 10.66 23.04
CA THR A 637 2.73 9.22 22.77
C THR A 637 3.24 8.44 23.96
N ARG A 638 3.04 7.13 23.93
CA ARG A 638 3.41 6.26 25.04
C ARG A 638 4.75 5.58 24.80
N ALA A 639 5.59 5.55 25.83
CA ALA A 639 6.91 4.95 25.71
C ALA A 639 6.83 3.44 25.79
N GLN A 640 7.31 2.78 24.73
CA GLN A 640 7.55 1.33 24.74
C GLN A 640 9.05 1.15 24.81
N VAL A 641 9.59 1.17 26.03
CA VAL A 641 11.03 1.13 26.22
C VAL A 641 11.53 -0.31 26.00
N SER A 642 12.36 -0.48 24.96
CA SER A 642 12.95 -1.78 24.63
C SER A 642 14.37 -1.60 24.10
N ASP A 643 15.04 -2.73 23.86
CA ASP A 643 16.36 -2.74 23.23
C ASP A 643 16.25 -2.93 21.72
N ARG A 644 15.02 -3.10 21.21
CA ARG A 644 14.77 -3.27 19.75
C ARG A 644 15.09 -2.06 18.88
N PRO A 645 14.57 -0.86 19.24
CA PRO A 645 15.02 0.31 18.50
C PRO A 645 16.50 0.60 18.77
N ASN A 646 17.20 1.04 17.73
CA ASN A 646 18.58 1.52 17.85
C ASN A 646 18.65 2.85 18.61
N LYS A 647 19.73 3.00 19.38
CA LYS A 647 19.99 4.24 20.11
C LYS A 647 20.07 5.40 19.12
N GLY A 648 19.38 6.49 19.43
CA GLY A 648 19.33 7.65 18.58
C GLY A 648 18.09 7.77 17.71
N ALA A 649 17.26 6.73 17.68
CA ALA A 649 16.05 6.74 16.87
C ALA A 649 14.86 6.25 17.67
N ILE A 650 13.70 6.86 17.46
CA ILE A 650 12.45 6.36 18.03
C ILE A 650 11.49 5.98 16.91
N TYR A 651 10.69 4.94 17.13
CA TYR A 651 9.82 4.41 16.09
C TYR A 651 8.38 4.39 16.54
N MET A 652 7.57 5.27 15.94
CA MET A 652 6.19 5.42 16.33
C MET A 652 5.31 4.51 15.49
N THR A 653 4.36 3.83 16.15
CA THR A 653 3.39 2.99 15.45
C THR A 653 2.26 3.86 14.90
N TYR A 654 2.60 4.75 13.96
CA TYR A 654 1.84 5.97 13.56
C TYR A 654 0.42 5.76 12.97
N GLN A 655 -0.20 4.62 13.26
CA GLN A 655 -1.53 4.27 12.73
C GLN A 655 -2.67 4.98 13.49
N TRP A 656 -2.33 5.94 14.38
CA TRP A 656 -3.22 6.38 15.47
C TRP A 656 -3.97 7.71 15.27
N TRP A 657 -5.08 7.83 15.98
CA TRP A 657 -6.07 8.90 15.84
C TRP A 657 -5.96 9.89 17.00
N PRO A 676 8.93 14.66 1.44
CA PRO A 676 8.32 13.33 1.44
C PRO A 676 9.15 12.23 2.15
N GLU A 677 9.92 12.61 3.18
CA GLU A 677 10.66 11.65 3.99
C GLU A 677 9.84 11.28 5.24
N TYR A 678 8.85 10.39 5.04
CA TYR A 678 8.00 9.91 6.14
C TYR A 678 8.78 9.14 7.25
N LYS A 679 9.95 8.60 6.89
CA LYS A 679 10.70 7.67 7.75
C LYS A 679 11.98 8.21 8.39
N TYR A 680 12.31 9.48 8.14
CA TYR A 680 13.43 10.14 8.82
C TYR A 680 13.04 11.57 9.16
N CYS A 681 13.20 11.92 10.44
CA CYS A 681 12.73 13.18 10.96
C CYS A 681 13.40 13.50 12.30
N ALA A 682 13.99 14.69 12.40
CA ALA A 682 14.70 15.12 13.61
C ALA A 682 13.71 15.57 14.69
N VAL A 683 13.83 14.98 15.88
CA VAL A 683 12.89 15.22 16.98
C VAL A 683 13.59 15.22 18.34
N ARG A 684 12.87 15.69 19.35
CA ARG A 684 13.33 15.63 20.74
C ARG A 684 12.23 14.97 21.56
N VAL A 685 12.62 14.11 22.50
CA VAL A 685 11.63 13.37 23.31
C VAL A 685 11.74 13.78 24.76
N GLU A 686 10.66 14.39 25.26
CA GLU A 686 10.63 14.95 26.60
C GLU A 686 9.67 14.14 27.45
N PRO A 687 10.08 13.74 28.68
CA PRO A 687 9.15 13.05 29.57
C PRO A 687 8.08 14.01 30.15
N ILE A 688 6.97 13.44 30.60
CA ILE A 688 5.90 14.20 31.26
C ILE A 688 5.95 13.96 32.77
N ALA A 689 6.03 15.05 33.55
CA ALA A 689 6.00 14.95 35.01
C ALA A 689 4.61 14.51 35.48
N ASP A 690 3.58 15.22 35.03
CA ASP A 690 2.20 14.96 35.45
C ASP A 690 1.52 13.96 34.51
N GLN A 691 1.77 12.69 34.79
CA GLN A 691 1.26 11.59 33.97
C GLN A 691 -0.25 11.49 34.02
N ARG A 692 -0.82 11.64 35.20
CA ARG A 692 -2.27 11.54 35.37
C ARG A 692 -3.06 12.56 34.53
N ALA A 693 -2.51 13.76 34.36
CA ALA A 693 -3.12 14.82 33.57
C ALA A 693 -2.98 14.53 32.08
N ALA A 694 -1.82 14.00 31.70
CA ALA A 694 -1.56 13.61 30.33
C ALA A 694 -2.39 12.39 29.92
N GLU A 695 -2.64 11.49 30.87
CA GLU A 695 -3.50 10.32 30.63
C GLU A 695 -4.92 10.74 30.38
N GLN A 696 -5.44 11.57 31.27
CA GLN A 696 -6.78 12.11 31.14
C GLN A 696 -6.94 12.85 29.82
N TYR A 697 -5.92 13.64 29.49
CA TYR A 697 -5.91 14.40 28.25
C TYR A 697 -6.07 13.45 27.06
N VAL A 698 -5.37 12.32 27.08
CA VAL A 698 -5.49 11.31 26.01
C VAL A 698 -6.91 10.77 25.88
N ILE A 699 -7.50 10.36 27.01
CA ILE A 699 -8.91 9.94 27.06
C ILE A 699 -9.84 11.06 26.59
N ASP A 700 -9.55 12.29 27.01
CA ASP A 700 -10.37 13.45 26.62
C ASP A 700 -10.41 13.63 25.12
N GLU A 701 -9.24 13.61 24.47
CA GLU A 701 -9.15 13.82 23.03
C GLU A 701 -9.73 12.66 22.23
N TYR A 702 -9.54 11.43 22.71
CA TYR A 702 -10.10 10.26 22.02
C TYR A 702 -11.63 10.26 22.10
N ASN A 703 -12.17 10.66 23.26
CA ASN A 703 -13.61 10.82 23.41
C ASN A 703 -14.17 11.91 22.51
N LYS A 704 -13.43 13.01 22.37
CA LYS A 704 -13.83 14.07 21.44
C LYS A 704 -14.01 13.50 20.05
N LEU A 705 -12.95 12.89 19.51
CA LEU A 705 -13.00 12.35 18.15
C LEU A 705 -14.07 11.29 18.00
N LYS A 706 -14.16 10.36 18.96
CA LYS A 706 -15.18 9.32 18.91
C LYS A 706 -16.59 9.92 18.85
N THR A 707 -16.82 10.97 19.63
CA THR A 707 -18.16 11.57 19.72
C THR A 707 -18.50 12.35 18.45
N ARG A 708 -17.49 13.00 17.90
CA ARG A 708 -17.63 13.78 16.69
C ARG A 708 -18.09 12.88 15.53
N LEU A 709 -17.39 11.78 15.33
CA LEU A 709 -17.69 10.85 14.24
C LEU A 709 -19.02 10.14 14.46
N ARG A 710 -19.33 9.83 15.73
CA ARG A 710 -20.66 9.32 16.13
C ARG A 710 -21.80 10.23 15.70
N GLU A 711 -21.71 11.50 16.08
CA GLU A 711 -22.75 12.48 15.76
C GLU A 711 -22.85 12.73 14.25
N ALA A 712 -21.70 12.75 13.57
CA ALA A 712 -21.69 12.85 12.11
C ALA A 712 -22.56 11.76 11.50
N ALA A 713 -22.48 10.55 12.06
CA ALA A 713 -23.10 9.35 11.49
C ALA A 713 -24.56 9.16 11.89
N LEU A 714 -24.85 9.25 13.19
CA LEU A 714 -26.25 9.22 13.64
C LEU A 714 -26.75 10.65 13.77
N ALA A 715 -27.12 11.22 12.63
CA ALA A 715 -27.79 12.52 12.55
C ALA A 715 -29.10 12.36 11.76
#